data_1J3L
#
_entry.id   1J3L
#
_cell.length_a   61.872
_cell.length_b   109.068
_cell.length_c   270.319
_cell.angle_alpha   90.00
_cell.angle_beta   90.00
_cell.angle_gamma   90.00
#
_symmetry.space_group_name_H-M   'C 2 2 21'
#
loop_
_entity.id
_entity.type
_entity.pdbx_description
1 polymer 'Demethylmenaquinone Methyltransferase'
2 non-polymer 'MAGNESIUM ION'
3 non-polymer 'CHLORIDE ION'
4 water water
#
_entity_poly.entity_id   1
_entity_poly.type   'polypeptide(L)'
_entity_poly.pdbx_seq_one_letter_code
;MEARTTDLSDLYPEGEALP(MSE)VFKSFGGRARFAGRVRTLRVFEDNALVRKVLEEEGAGQVLFVDGGGSLRTALLGGN
LARRAWEKGWAGVVVHGAVRDTEELREVPIGLLALAATPKKSAKEGKGEVDVPLKVLGVEVLPGSFLLADEDGLLLLPEP
PSGVRSGG
;
_entity_poly.pdbx_strand_id   A,B,C,D,E,F
#
loop_
_chem_comp.id
_chem_comp.type
_chem_comp.name
_chem_comp.formula
CL non-polymer 'CHLORIDE ION' 'Cl -1'
MG non-polymer 'MAGNESIUM ION' 'Mg 2'
#
# COMPACT_ATOMS: atom_id res chain seq x y z
N MET A 1 27.30 -18.86 -20.94
CA MET A 1 26.98 -17.56 -20.30
C MET A 1 27.78 -16.42 -20.94
N GLU A 2 27.28 -15.20 -20.77
CA GLU A 2 27.96 -14.04 -21.34
C GLU A 2 27.63 -12.79 -20.53
N ALA A 3 27.56 -11.64 -21.18
CA ALA A 3 27.22 -10.38 -20.49
C ALA A 3 26.16 -10.65 -19.44
N ARG A 4 26.09 -9.77 -18.47
CA ARG A 4 25.12 -9.94 -17.45
C ARG A 4 24.66 -8.60 -16.97
N THR A 5 23.49 -8.65 -16.38
CA THR A 5 22.85 -7.47 -15.87
C THR A 5 23.62 -7.11 -14.60
N THR A 6 23.89 -8.10 -13.74
CA THR A 6 24.56 -7.87 -12.49
C THR A 6 25.97 -7.29 -12.67
N ASP A 7 26.86 -8.03 -13.33
CA ASP A 7 28.22 -7.54 -13.55
C ASP A 7 28.23 -6.11 -14.05
N LEU A 8 27.53 -5.89 -15.16
CA LEU A 8 27.47 -4.58 -15.76
C LEU A 8 26.86 -3.54 -14.84
N SER A 9 26.06 -3.99 -13.88
CA SER A 9 25.47 -3.04 -12.94
C SER A 9 26.59 -2.54 -12.03
N ASP A 10 27.53 -3.41 -11.69
CA ASP A 10 28.65 -3.05 -10.84
C ASP A 10 29.55 -2.06 -11.58
N LEU A 11 29.88 -2.39 -12.83
CA LEU A 11 30.73 -1.54 -13.68
C LEU A 11 30.06 -0.21 -14.01
N TYR A 12 28.74 -0.19 -14.09
CA TYR A 12 28.00 1.04 -14.41
C TYR A 12 26.99 1.44 -13.35
N PRO A 13 27.43 2.13 -12.30
CA PRO A 13 26.52 2.55 -11.23
C PRO A 13 25.49 3.59 -11.67
N GLU A 14 25.71 4.18 -12.84
CA GLU A 14 24.79 5.21 -13.34
C GLU A 14 23.62 4.56 -14.09
N GLY A 15 23.78 3.29 -14.42
CA GLY A 15 22.72 2.59 -15.13
C GLY A 15 21.47 2.46 -14.26
N GLU A 16 20.33 2.31 -14.91
CA GLU A 16 19.06 2.15 -14.23
C GLU A 16 18.74 0.67 -14.30
N ALA A 17 18.06 0.17 -13.27
CA ALA A 17 17.73 -1.26 -13.25
C ALA A 17 16.30 -1.53 -12.78
N LEU A 18 15.71 -2.58 -13.33
CA LEU A 18 14.36 -2.99 -12.97
C LEU A 18 14.44 -4.44 -12.47
N PRO A 19 13.69 -4.75 -11.41
CA PRO A 19 13.70 -6.12 -10.88
C PRO A 19 13.01 -7.06 -11.88
N MSE A 20 13.31 -8.35 -11.78
CA MSE A 20 12.71 -9.32 -12.66
C MSE A 20 11.29 -9.65 -12.19
O MSE A 20 11.04 -10.72 -11.65
CB MSE A 20 13.57 -10.60 -12.73
CG MSE A 20 13.06 -11.65 -13.71
SE MSE A 20 12.24 -10.85 -15.28
CE MSE A 20 13.79 -9.99 -16.02
N VAL A 21 10.37 -8.71 -12.39
CA VAL A 21 8.97 -8.87 -12.00
C VAL A 21 8.11 -9.09 -13.26
N PHE A 22 8.78 -9.44 -14.36
CA PHE A 22 8.10 -9.73 -15.61
C PHE A 22 8.18 -11.24 -15.85
N LYS A 23 7.18 -11.81 -16.50
CA LYS A 23 7.25 -13.24 -16.79
C LYS A 23 7.96 -13.35 -18.12
N SER A 24 8.71 -14.42 -18.32
CA SER A 24 9.42 -14.62 -19.57
C SER A 24 8.54 -15.49 -20.45
N PHE A 25 8.10 -14.94 -21.58
CA PHE A 25 7.23 -15.66 -22.50
C PHE A 25 7.92 -16.07 -23.80
N GLY A 26 9.03 -15.41 -24.13
CA GLY A 26 9.74 -15.72 -25.37
C GLY A 26 10.66 -16.92 -25.29
N GLY A 27 11.25 -17.30 -26.43
CA GLY A 27 12.15 -18.43 -26.45
C GLY A 27 13.54 -18.09 -25.94
N ARG A 28 13.81 -16.79 -25.73
CA ARG A 28 15.11 -16.37 -25.22
C ARG A 28 14.97 -15.79 -23.82
N ALA A 29 15.69 -16.37 -22.86
CA ALA A 29 15.65 -15.89 -21.49
C ALA A 29 16.57 -14.67 -21.39
N ARG A 30 17.60 -14.66 -22.21
CA ARG A 30 18.57 -13.57 -22.21
C ARG A 30 18.64 -12.91 -23.57
N PHE A 31 18.57 -11.58 -23.58
CA PHE A 31 18.64 -10.79 -24.79
C PHE A 31 19.03 -9.35 -24.43
N ALA A 32 19.42 -8.58 -25.43
CA ALA A 32 19.83 -7.19 -25.22
C ALA A 32 19.82 -6.40 -26.52
N GLY A 33 19.84 -5.08 -26.41
CA GLY A 33 19.84 -4.29 -27.62
C GLY A 33 19.53 -2.81 -27.42
N ARG A 34 19.62 -2.05 -28.51
CA ARG A 34 19.33 -0.63 -28.49
C ARG A 34 17.83 -0.49 -28.24
N VAL A 35 17.47 0.29 -27.24
CA VAL A 35 16.08 0.52 -26.87
C VAL A 35 15.27 1.39 -27.81
N ARG A 36 14.04 0.97 -28.04
CA ARG A 36 13.07 1.67 -28.87
C ARG A 36 11.85 1.68 -27.95
N THR A 37 11.23 2.84 -27.75
CA THR A 37 10.08 2.90 -26.85
C THR A 37 8.76 3.14 -27.53
N LEU A 38 7.70 2.93 -26.77
CA LEU A 38 6.35 3.10 -27.24
C LEU A 38 5.40 3.17 -26.04
N ARG A 39 4.46 4.11 -26.10
CA ARG A 39 3.50 4.26 -25.04
C ARG A 39 2.12 4.12 -25.64
N VAL A 40 1.34 3.20 -25.10
CA VAL A 40 -0.02 2.97 -25.56
C VAL A 40 -0.83 2.48 -24.40
N PHE A 41 -2.13 2.32 -24.64
CA PHE A 41 -3.00 1.82 -23.60
C PHE A 41 -4.06 0.99 -24.29
N GLU A 42 -4.03 -0.31 -24.03
CA GLU A 42 -5.00 -1.21 -24.62
C GLU A 42 -5.26 -1.02 -26.11
N ASP A 43 -4.21 -0.66 -26.84
CA ASP A 43 -4.29 -0.47 -28.29
C ASP A 43 -2.89 -0.79 -28.81
N ASN A 44 -2.79 -1.63 -29.83
CA ASN A 44 -1.49 -2.01 -30.35
C ASN A 44 -1.27 -1.82 -31.83
N ALA A 45 -2.07 -1.00 -32.50
CA ALA A 45 -1.85 -0.77 -33.92
C ALA A 45 -0.42 -0.25 -34.08
N LEU A 46 0.01 0.58 -33.12
CA LEU A 46 1.36 1.14 -33.12
C LEU A 46 2.41 0.06 -32.91
N VAL A 47 2.04 -1.03 -32.23
CA VAL A 47 2.99 -2.11 -31.99
C VAL A 47 3.28 -2.83 -33.31
N ARG A 48 2.24 -3.04 -34.10
CA ARG A 48 2.39 -3.70 -35.37
C ARG A 48 3.21 -2.85 -36.34
N LYS A 49 2.87 -1.55 -36.43
CA LYS A 49 3.58 -0.63 -37.32
C LYS A 49 5.07 -0.55 -37.00
N VAL A 50 5.41 -0.32 -35.74
CA VAL A 50 6.80 -0.22 -35.32
C VAL A 50 7.61 -1.53 -35.47
N LEU A 51 7.03 -2.67 -35.12
CA LEU A 51 7.78 -3.93 -35.24
C LEU A 51 8.02 -4.31 -36.69
N GLU A 52 7.37 -3.60 -37.60
CA GLU A 52 7.52 -3.86 -39.03
C GLU A 52 8.75 -3.14 -39.54
N GLU A 53 9.29 -2.25 -38.70
CA GLU A 53 10.48 -1.50 -39.07
C GLU A 53 11.66 -2.35 -38.65
N GLU A 54 12.74 -2.31 -39.42
CA GLU A 54 13.86 -3.14 -39.05
C GLU A 54 14.37 -2.94 -37.65
N GLY A 55 14.37 -4.05 -36.90
CA GLY A 55 14.80 -4.03 -35.51
C GLY A 55 16.10 -4.75 -35.17
N ALA A 56 16.99 -4.85 -36.14
CA ALA A 56 18.28 -5.50 -35.92
C ALA A 56 18.98 -4.87 -34.71
N GLY A 57 19.37 -5.72 -33.77
CA GLY A 57 20.08 -5.25 -32.59
C GLY A 57 19.28 -4.29 -31.71
N GLN A 58 17.96 -4.41 -31.75
CA GLN A 58 17.13 -3.50 -30.95
C GLN A 58 16.14 -4.20 -30.02
N VAL A 59 15.71 -3.47 -28.99
CA VAL A 59 14.75 -3.98 -28.05
C VAL A 59 13.59 -2.98 -27.96
N LEU A 60 12.38 -3.46 -28.18
CA LEU A 60 11.23 -2.57 -28.08
C LEU A 60 10.64 -2.68 -26.68
N PHE A 61 10.52 -1.54 -26.03
CA PHE A 61 9.97 -1.48 -24.69
C PHE A 61 8.59 -0.84 -24.83
N VAL A 62 7.55 -1.62 -24.59
CA VAL A 62 6.19 -1.13 -24.71
C VAL A 62 5.57 -0.83 -23.35
N ASP A 63 5.26 0.43 -23.14
CA ASP A 63 4.64 0.85 -21.89
C ASP A 63 3.12 0.78 -22.10
N GLY A 64 2.47 -0.21 -21.51
CA GLY A 64 1.03 -0.35 -21.66
C GLY A 64 0.28 0.19 -20.47
N GLY A 65 0.94 1.05 -19.70
CA GLY A 65 0.28 1.59 -18.53
C GLY A 65 0.08 0.49 -17.51
N GLY A 66 0.72 -0.65 -17.75
CA GLY A 66 0.63 -1.79 -16.86
C GLY A 66 -0.68 -2.54 -16.95
N SER A 67 -1.55 -2.17 -17.88
CA SER A 67 -2.83 -2.85 -18.02
C SER A 67 -2.74 -4.32 -18.38
N LEU A 68 -3.62 -5.12 -17.80
CA LEU A 68 -3.66 -6.56 -18.06
C LEU A 68 -4.98 -6.92 -18.73
N ARG A 69 -5.76 -5.90 -19.07
CA ARG A 69 -7.07 -6.07 -19.71
C ARG A 69 -7.00 -6.61 -21.12
N THR A 70 -6.00 -6.17 -21.88
CA THR A 70 -5.87 -6.63 -23.26
C THR A 70 -4.41 -6.94 -23.59
N ALA A 71 -4.21 -7.74 -24.63
CA ALA A 71 -2.88 -8.13 -25.04
C ALA A 71 -2.31 -7.15 -26.05
N LEU A 72 -1.07 -6.72 -25.85
CA LEU A 72 -0.43 -5.80 -26.75
C LEU A 72 0.37 -6.56 -27.79
N LEU A 73 0.57 -7.85 -27.55
CA LEU A 73 1.32 -8.66 -28.50
C LEU A 73 0.86 -10.12 -28.44
N GLY A 74 0.64 -10.69 -29.62
CA GLY A 74 0.21 -12.07 -29.69
C GLY A 74 1.20 -12.90 -30.46
N GLY A 75 0.78 -14.10 -30.87
CA GLY A 75 1.66 -14.96 -31.62
C GLY A 75 2.13 -14.33 -32.92
N ASN A 76 1.22 -13.66 -33.62
CA ASN A 76 1.55 -13.02 -34.90
C ASN A 76 2.63 -11.96 -34.79
N LEU A 77 2.45 -11.01 -33.87
CA LEU A 77 3.43 -9.94 -33.72
C LEU A 77 4.77 -10.49 -33.24
N ALA A 78 4.74 -11.51 -32.38
CA ALA A 78 5.98 -12.08 -31.90
C ALA A 78 6.80 -12.59 -33.08
N ARG A 79 6.15 -13.35 -33.95
CA ARG A 79 6.80 -13.91 -35.13
C ARG A 79 7.24 -12.78 -36.05
N ARG A 80 6.42 -11.74 -36.19
CA ARG A 80 6.79 -10.63 -37.06
C ARG A 80 8.06 -9.95 -36.53
N ALA A 81 8.08 -9.66 -35.24
CA ALA A 81 9.22 -9.01 -34.59
C ALA A 81 10.49 -9.80 -34.86
N TRP A 82 10.37 -11.12 -34.80
CA TRP A 82 11.50 -12.00 -35.04
C TRP A 82 11.96 -11.94 -36.49
N GLU A 83 11.02 -11.99 -37.44
CA GLU A 83 11.35 -11.94 -38.86
C GLU A 83 12.03 -10.61 -39.20
N LYS A 84 11.69 -9.56 -38.46
CA LYS A 84 12.26 -8.24 -38.67
C LYS A 84 13.58 -8.03 -37.92
N GLY A 85 14.03 -9.08 -37.22
CA GLY A 85 15.29 -9.02 -36.51
C GLY A 85 15.34 -8.49 -35.08
N TRP A 86 14.19 -8.12 -34.54
CA TRP A 86 14.17 -7.62 -33.18
C TRP A 86 14.85 -8.60 -32.24
N ALA A 87 15.63 -8.08 -31.30
CA ALA A 87 16.31 -8.91 -30.32
C ALA A 87 15.33 -9.28 -29.20
N GLY A 88 14.38 -8.39 -28.96
CA GLY A 88 13.40 -8.64 -27.91
C GLY A 88 12.37 -7.55 -27.73
N VAL A 89 11.33 -7.87 -26.97
CA VAL A 89 10.24 -6.95 -26.67
C VAL A 89 9.97 -7.02 -25.17
N VAL A 90 9.85 -5.86 -24.54
CA VAL A 90 9.53 -5.81 -23.11
C VAL A 90 8.20 -5.11 -22.99
N VAL A 91 7.22 -5.79 -22.41
CA VAL A 91 5.90 -5.21 -22.28
C VAL A 91 5.48 -4.89 -20.85
N HIS A 92 5.31 -3.61 -20.55
CA HIS A 92 4.84 -3.22 -19.25
C HIS A 92 3.34 -3.30 -19.46
N GLY A 93 2.83 -4.54 -19.41
CA GLY A 93 1.43 -4.80 -19.65
C GLY A 93 1.27 -6.28 -19.99
N ALA A 94 0.25 -6.62 -20.76
CA ALA A 94 0.02 -8.02 -21.08
C ALA A 94 0.19 -8.44 -22.54
N VAL A 95 0.31 -9.75 -22.74
CA VAL A 95 0.47 -10.38 -24.04
C VAL A 95 -0.48 -11.58 -24.09
N ARG A 96 -0.52 -12.30 -25.23
CA ARG A 96 -1.36 -13.50 -25.33
C ARG A 96 -0.76 -14.55 -26.29
N ASP A 97 -1.37 -15.74 -26.32
CA ASP A 97 -0.89 -16.88 -27.13
C ASP A 97 0.43 -17.37 -26.56
N THR A 98 0.51 -17.38 -25.24
CA THR A 98 1.72 -17.83 -24.57
C THR A 98 2.36 -19.08 -25.19
N GLU A 99 1.55 -20.08 -25.55
CA GLU A 99 2.13 -21.28 -26.15
C GLU A 99 2.91 -20.93 -27.43
N GLU A 100 2.38 -19.99 -28.22
CA GLU A 100 3.07 -19.58 -29.43
C GLU A 100 4.29 -18.67 -29.17
N LEU A 101 4.18 -17.79 -28.18
CA LEU A 101 5.28 -16.88 -27.87
C LEU A 101 6.54 -17.65 -27.49
N ARG A 102 6.36 -18.71 -26.71
CA ARG A 102 7.46 -19.55 -26.22
C ARG A 102 8.31 -20.15 -27.34
N GLU A 103 7.70 -20.34 -28.49
CA GLU A 103 8.36 -20.94 -29.65
C GLU A 103 9.12 -19.97 -30.57
N VAL A 104 9.05 -18.67 -30.29
CA VAL A 104 9.73 -17.67 -31.11
C VAL A 104 11.07 -17.36 -30.46
N PRO A 105 12.17 -17.49 -31.21
CA PRO A 105 13.51 -17.23 -30.65
C PRO A 105 13.90 -15.77 -30.47
N ILE A 106 13.13 -15.08 -29.62
CA ILE A 106 13.37 -13.69 -29.28
C ILE A 106 13.00 -13.56 -27.80
N GLY A 107 13.46 -12.49 -27.18
CA GLY A 107 13.13 -12.26 -25.79
C GLY A 107 11.75 -11.63 -25.73
N LEU A 108 10.94 -12.07 -24.78
CA LEU A 108 9.59 -11.52 -24.61
C LEU A 108 9.14 -11.50 -23.14
N LEU A 109 9.18 -10.31 -22.54
CA LEU A 109 8.78 -10.13 -21.16
C LEU A 109 7.46 -9.37 -21.08
N ALA A 110 6.64 -9.74 -20.10
CA ALA A 110 5.37 -9.08 -19.89
C ALA A 110 4.98 -9.34 -18.46
N LEU A 111 4.00 -8.58 -17.96
CA LEU A 111 3.56 -8.75 -16.58
C LEU A 111 2.63 -9.95 -16.49
N ALA A 112 1.95 -10.25 -17.59
CA ALA A 112 1.03 -11.37 -17.61
C ALA A 112 0.42 -11.60 -18.97
N ALA A 113 -0.19 -12.77 -19.13
CA ALA A 113 -0.89 -13.10 -20.36
C ALA A 113 -2.37 -12.80 -20.09
N THR A 114 -3.13 -12.48 -21.12
CA THR A 114 -4.55 -12.18 -20.98
C THR A 114 -5.19 -12.59 -22.32
N PRO A 115 -6.46 -13.02 -22.30
CA PRO A 115 -7.20 -13.45 -23.49
C PRO A 115 -7.65 -12.45 -24.54
N LYS A 116 -8.11 -11.28 -24.11
CA LYS A 116 -8.62 -10.26 -25.04
C LYS A 116 -7.58 -9.53 -25.87
N LYS A 117 -7.91 -9.35 -27.15
CA LYS A 117 -7.05 -8.63 -28.07
C LYS A 117 -7.23 -7.13 -27.82
N SER A 118 -6.22 -6.35 -28.18
CA SER A 118 -6.26 -4.89 -28.02
C SER A 118 -6.95 -4.23 -29.20
N ALA A 119 -7.39 -2.99 -28.99
CA ALA A 119 -8.04 -2.23 -30.03
C ALA A 119 -6.96 -1.79 -31.01
N LYS A 120 -7.38 -1.29 -32.17
CA LYS A 120 -6.43 -0.87 -33.19
C LYS A 120 -6.68 0.52 -33.77
N GLU A 121 -7.00 1.49 -32.92
CA GLU A 121 -7.25 2.85 -33.40
C GLU A 121 -5.92 3.49 -33.76
N GLY A 122 -4.87 3.10 -33.06
CA GLY A 122 -3.55 3.66 -33.34
C GLY A 122 -3.11 4.77 -32.41
N LYS A 123 -3.73 4.86 -31.24
CA LYS A 123 -3.38 5.89 -30.25
C LYS A 123 -2.06 5.50 -29.58
N GLY A 124 -1.26 6.50 -29.23
CA GLY A 124 0.01 6.22 -28.58
C GLY A 124 1.16 7.07 -29.08
N GLU A 125 2.29 7.01 -28.36
CA GLU A 125 3.47 7.78 -28.70
C GLU A 125 4.65 6.88 -29.03
N VAL A 126 5.46 7.29 -30.00
CA VAL A 126 6.62 6.53 -30.42
C VAL A 126 7.93 7.19 -30.02
N ASP A 127 8.88 6.38 -29.54
CA ASP A 127 10.19 6.83 -29.09
C ASP A 127 10.21 8.04 -28.16
N VAL A 128 9.38 7.97 -27.10
CA VAL A 128 9.30 9.02 -26.09
C VAL A 128 9.86 8.49 -24.77
N PRO A 129 10.33 9.39 -23.90
CA PRO A 129 10.86 8.94 -22.61
C PRO A 129 9.75 8.24 -21.84
N LEU A 130 10.04 7.09 -21.25
CA LEU A 130 9.04 6.35 -20.48
C LEU A 130 9.44 6.31 -19.02
N LYS A 131 8.44 6.11 -18.16
CA LYS A 131 8.70 6.00 -16.73
C LYS A 131 8.02 4.69 -16.32
N VAL A 132 8.82 3.66 -16.09
CA VAL A 132 8.28 2.35 -15.71
C VAL A 132 8.76 1.88 -14.35
N LEU A 133 7.81 1.60 -13.46
CA LEU A 133 8.13 1.16 -12.10
C LEU A 133 9.23 2.04 -11.54
N GLY A 134 8.99 3.34 -11.57
CA GLY A 134 9.95 4.30 -11.04
C GLY A 134 11.20 4.53 -11.87
N VAL A 135 11.42 3.71 -12.89
CA VAL A 135 12.61 3.86 -13.71
C VAL A 135 12.32 4.46 -15.08
N GLU A 136 13.18 5.38 -15.49
CA GLU A 136 13.05 6.06 -16.77
C GLU A 136 13.67 5.22 -17.88
N VAL A 137 12.92 4.99 -18.95
CA VAL A 137 13.43 4.22 -20.07
C VAL A 137 13.52 5.17 -21.25
N LEU A 138 14.72 5.30 -21.81
CA LEU A 138 14.93 6.24 -22.90
C LEU A 138 15.21 5.63 -24.26
N PRO A 139 14.62 6.23 -25.30
CA PRO A 139 14.83 5.73 -26.65
C PRO A 139 16.32 5.96 -26.87
N GLY A 140 17.05 4.95 -27.34
CA GLY A 140 18.46 5.13 -27.59
C GLY A 140 19.39 4.59 -26.54
N SER A 141 18.86 4.13 -25.43
CA SER A 141 19.69 3.57 -24.37
C SER A 141 19.89 2.11 -24.72
N PHE A 142 20.80 1.44 -24.04
CA PHE A 142 21.06 0.03 -24.29
C PHE A 142 20.38 -0.79 -23.20
N LEU A 143 19.63 -1.81 -23.59
CA LEU A 143 18.95 -2.65 -22.62
C LEU A 143 19.53 -4.05 -22.55
N LEU A 144 19.61 -4.56 -21.34
CA LEU A 144 20.13 -5.89 -21.09
C LEU A 144 19.05 -6.60 -20.28
N ALA A 145 18.78 -7.84 -20.63
CA ALA A 145 17.77 -8.60 -19.92
C ALA A 145 18.16 -10.04 -19.68
N ASP A 146 17.97 -10.49 -18.45
CA ASP A 146 18.25 -11.86 -18.07
C ASP A 146 17.48 -12.22 -16.80
N GLU A 147 17.75 -13.39 -16.24
CA GLU A 147 17.08 -13.87 -15.03
C GLU A 147 17.17 -12.96 -13.80
N ASP A 148 18.14 -12.05 -13.77
CA ASP A 148 18.26 -11.17 -12.63
C ASP A 148 17.59 -9.82 -12.85
N GLY A 149 16.97 -9.65 -14.02
CA GLY A 149 16.31 -8.39 -14.28
C GLY A 149 16.73 -7.65 -15.54
N LEU A 150 16.45 -6.35 -15.56
CA LEU A 150 16.76 -5.50 -16.71
C LEU A 150 17.71 -4.36 -16.36
N LEU A 151 18.76 -4.21 -17.16
CA LEU A 151 19.72 -3.13 -16.96
C LEU A 151 19.65 -2.16 -18.14
N LEU A 152 19.48 -0.87 -17.84
CA LEU A 152 19.40 0.17 -18.86
C LEU A 152 20.63 1.07 -18.77
N LEU A 153 21.44 1.07 -19.82
CA LEU A 153 22.65 1.88 -19.88
C LEU A 153 22.47 3.01 -20.89
N PRO A 154 23.00 4.21 -20.58
CA PRO A 154 22.89 5.38 -21.48
C PRO A 154 23.34 5.05 -22.90
N GLU A 155 24.19 4.02 -23.00
CA GLU A 155 24.71 3.52 -24.27
C GLU A 155 25.34 2.16 -23.95
N PRO A 156 25.60 1.33 -24.98
CA PRO A 156 26.19 0.01 -24.72
C PRO A 156 27.52 0.09 -23.96
N PRO A 157 27.98 -1.04 -23.39
CA PRO A 157 29.24 -1.11 -22.64
C PRO A 157 30.45 -0.54 -23.38
N SER A 158 31.16 0.37 -22.71
CA SER A 158 32.35 1.00 -23.28
C SER A 158 33.62 0.26 -22.84
N GLY A 159 34.41 -0.19 -23.81
CA GLY A 159 35.62 -0.91 -23.51
C GLY A 159 36.65 -0.13 -22.69
N VAL A 160 36.55 -0.22 -21.37
CA VAL A 160 37.48 0.46 -20.48
C VAL A 160 38.22 -0.59 -19.65
N ARG A 161 38.22 -1.82 -20.16
CA ARG A 161 38.89 -2.95 -19.53
C ARG A 161 39.30 -3.93 -20.62
N SER A 162 38.38 -4.15 -21.55
CA SER A 162 38.58 -5.07 -22.67
C SER A 162 37.25 -5.36 -23.39
N GLY A 163 36.23 -4.56 -23.05
CA GLY A 163 34.93 -4.74 -23.68
C GLY A 163 33.83 -3.97 -22.95
N GLY A 164 33.59 -4.35 -21.69
CA GLY A 164 32.57 -3.69 -20.89
C GLY A 164 33.14 -2.49 -20.14
N MET B 1 -9.74 -27.30 -21.51
CA MET B 1 -8.57 -27.99 -22.14
C MET B 1 -8.60 -27.84 -23.66
N GLU B 2 -9.83 -27.80 -24.21
CA GLU B 2 -10.06 -27.69 -25.65
C GLU B 2 -9.95 -26.28 -26.26
N ALA B 3 -11.10 -25.68 -26.58
CA ALA B 3 -11.12 -24.36 -27.18
C ALA B 3 -10.27 -23.34 -26.39
N ARG B 4 -9.50 -22.53 -27.10
CA ARG B 4 -8.63 -21.53 -26.48
C ARG B 4 -9.34 -20.27 -26.02
N THR B 5 -8.91 -19.73 -24.88
CA THR B 5 -9.53 -18.51 -24.37
C THR B 5 -9.30 -17.39 -25.38
N THR B 6 -8.16 -17.40 -26.06
CA THR B 6 -7.85 -16.36 -27.04
C THR B 6 -8.78 -16.38 -28.26
N ASP B 7 -8.99 -17.55 -28.83
CA ASP B 7 -9.84 -17.72 -30.01
C ASP B 7 -11.29 -17.42 -29.72
N LEU B 8 -11.75 -17.85 -28.54
CA LEU B 8 -13.13 -17.63 -28.16
C LEU B 8 -13.35 -16.17 -27.80
N SER B 9 -12.32 -15.52 -27.27
CA SER B 9 -12.43 -14.11 -26.92
C SER B 9 -12.65 -13.33 -28.21
N ASP B 10 -11.94 -13.73 -29.26
CA ASP B 10 -12.08 -13.05 -30.55
C ASP B 10 -13.48 -13.29 -31.09
N LEU B 11 -13.95 -14.53 -30.95
CA LEU B 11 -15.26 -14.92 -31.43
C LEU B 11 -16.40 -14.29 -30.62
N TYR B 12 -16.23 -14.18 -29.30
CA TYR B 12 -17.25 -13.58 -28.43
C TYR B 12 -16.68 -12.33 -27.74
N PRO B 13 -16.51 -11.25 -28.50
CA PRO B 13 -15.98 -9.98 -27.98
C PRO B 13 -16.61 -9.49 -26.68
N GLU B 14 -17.92 -9.69 -26.54
CA GLU B 14 -18.65 -9.24 -25.35
C GLU B 14 -18.26 -9.98 -24.07
N GLY B 15 -17.75 -11.20 -24.21
CA GLY B 15 -17.36 -11.99 -23.06
C GLY B 15 -16.39 -11.29 -22.13
N GLU B 16 -16.41 -11.70 -20.86
CA GLU B 16 -15.54 -11.12 -19.83
C GLU B 16 -14.30 -11.98 -19.69
N ALA B 17 -13.14 -11.35 -19.55
CA ALA B 17 -11.89 -12.10 -19.42
C ALA B 17 -11.01 -11.60 -18.29
N LEU B 18 -10.27 -12.51 -17.69
CA LEU B 18 -9.33 -12.18 -16.62
C LEU B 18 -7.95 -12.69 -17.00
N PRO B 19 -6.91 -11.89 -16.72
CA PRO B 19 -5.52 -12.23 -17.03
C PRO B 19 -5.07 -13.39 -16.13
N MSE B 20 -4.08 -14.15 -16.57
CA MSE B 20 -3.55 -15.27 -15.80
C MSE B 20 -2.64 -14.74 -14.68
O MSE B 20 -1.41 -14.83 -14.76
CB MSE B 20 -2.78 -16.23 -16.71
CG MSE B 20 -2.23 -17.47 -16.01
SE MSE B 20 -3.54 -18.14 -14.75
CE MSE B 20 -4.99 -18.44 -16.00
N VAL B 21 -3.24 -14.18 -13.64
CA VAL B 21 -2.46 -13.66 -12.52
C VAL B 21 -2.50 -14.69 -11.39
N PHE B 22 -3.09 -15.84 -11.68
CA PHE B 22 -3.18 -16.90 -10.70
C PHE B 22 -2.08 -17.93 -10.93
N LYS B 23 -1.70 -18.64 -9.86
CA LYS B 23 -0.73 -19.70 -9.99
C LYS B 23 -1.59 -20.97 -10.22
N SER B 24 -1.17 -21.82 -11.14
CA SER B 24 -1.86 -23.07 -11.44
C SER B 24 -1.29 -24.17 -10.52
N PHE B 25 -2.05 -24.52 -9.49
CA PHE B 25 -1.62 -25.53 -8.51
C PHE B 25 -2.03 -26.97 -8.81
N GLY B 26 -3.10 -27.13 -9.59
CA GLY B 26 -3.59 -28.46 -9.91
C GLY B 26 -2.80 -29.19 -10.98
N GLY B 27 -3.28 -30.36 -11.37
CA GLY B 27 -2.59 -31.16 -12.36
C GLY B 27 -2.99 -30.85 -13.80
N ARG B 28 -3.85 -29.85 -13.95
CA ARG B 28 -4.32 -29.41 -15.26
C ARG B 28 -4.49 -27.91 -15.22
N ALA B 29 -3.81 -27.22 -16.12
CA ALA B 29 -3.92 -25.78 -16.15
C ALA B 29 -5.07 -25.40 -17.09
N ARG B 30 -5.47 -26.33 -17.96
CA ARG B 30 -6.58 -26.08 -18.87
C ARG B 30 -7.81 -26.84 -18.38
N PHE B 31 -8.92 -26.12 -18.28
CA PHE B 31 -10.17 -26.70 -17.83
C PHE B 31 -11.30 -25.73 -18.15
N ALA B 32 -12.54 -26.21 -18.10
CA ALA B 32 -13.69 -25.36 -18.38
C ALA B 32 -14.90 -25.94 -17.69
N GLY B 33 -15.96 -25.15 -17.56
CA GLY B 33 -17.17 -25.62 -16.92
C GLY B 33 -18.15 -24.51 -16.56
N ARG B 34 -19.39 -24.90 -16.28
CA ARG B 34 -20.40 -23.94 -15.90
C ARG B 34 -19.97 -23.39 -14.54
N VAL B 35 -20.16 -22.09 -14.35
CA VAL B 35 -19.72 -21.43 -13.13
C VAL B 35 -20.66 -21.47 -11.93
N ARG B 36 -20.05 -21.70 -10.78
CA ARG B 36 -20.72 -21.74 -9.48
C ARG B 36 -19.89 -20.71 -8.71
N THR B 37 -20.52 -19.72 -8.09
CA THR B 37 -19.74 -18.71 -7.38
C THR B 37 -19.82 -18.73 -5.86
N LEU B 38 -18.86 -18.08 -5.22
CA LEU B 38 -18.80 -18.04 -3.77
C LEU B 38 -17.90 -16.89 -3.32
N ARG B 39 -18.40 -16.09 -2.40
CA ARG B 39 -17.61 -14.99 -1.87
C ARG B 39 -17.47 -15.21 -0.37
N VAL B 40 -16.25 -15.42 0.07
CA VAL B 40 -15.97 -15.67 1.48
C VAL B 40 -14.72 -14.92 1.93
N PHE B 41 -14.56 -14.75 3.23
CA PHE B 41 -13.37 -14.07 3.71
C PHE B 41 -12.66 -14.90 4.77
N GLU B 42 -11.60 -15.61 4.37
CA GLU B 42 -10.78 -16.41 5.26
C GLU B 42 -11.54 -17.43 6.04
N ASP B 43 -12.61 -17.95 5.44
CA ASP B 43 -13.45 -18.97 6.06
C ASP B 43 -13.79 -19.95 4.93
N ASN B 44 -13.66 -21.26 5.16
CA ASN B 44 -13.93 -22.18 4.06
C ASN B 44 -15.00 -23.22 4.30
N ALA B 45 -15.92 -22.95 5.23
CA ALA B 45 -16.98 -23.92 5.51
C ALA B 45 -17.92 -24.02 4.31
N LEU B 46 -18.25 -22.89 3.70
CA LEU B 46 -19.14 -22.89 2.54
C LEU B 46 -18.46 -23.49 1.33
N VAL B 47 -17.15 -23.26 1.19
CA VAL B 47 -16.41 -23.82 0.06
C VAL B 47 -16.44 -25.34 0.15
N ARG B 48 -16.32 -25.88 1.36
CA ARG B 48 -16.37 -27.32 1.56
C ARG B 48 -17.80 -27.85 1.30
N LYS B 49 -18.79 -27.17 1.86
CA LYS B 49 -20.18 -27.56 1.68
C LYS B 49 -20.54 -27.61 0.20
N VAL B 50 -20.05 -26.63 -0.57
CA VAL B 50 -20.34 -26.57 -2.01
C VAL B 50 -19.63 -27.66 -2.83
N LEU B 51 -18.34 -27.86 -2.60
CA LEU B 51 -17.61 -28.86 -3.37
C LEU B 51 -17.98 -30.29 -2.98
N GLU B 52 -18.77 -30.42 -1.92
CA GLU B 52 -19.20 -31.74 -1.48
C GLU B 52 -20.41 -32.18 -2.32
N GLU B 53 -20.93 -31.27 -3.14
CA GLU B 53 -22.06 -31.57 -4.01
C GLU B 53 -21.54 -32.17 -5.32
N GLU B 54 -22.43 -32.70 -6.14
CA GLU B 54 -22.01 -33.28 -7.43
C GLU B 54 -21.37 -32.17 -8.25
N GLY B 55 -20.15 -32.39 -8.70
CA GLY B 55 -19.43 -31.40 -9.49
C GLY B 55 -20.00 -31.25 -10.89
N ALA B 56 -20.20 -32.39 -11.54
CA ALA B 56 -20.78 -32.43 -12.88
C ALA B 56 -20.18 -31.39 -13.82
N GLY B 57 -18.88 -31.45 -14.04
CA GLY B 57 -18.24 -30.52 -14.94
C GLY B 57 -18.38 -29.03 -14.66
N GLN B 58 -18.64 -28.66 -13.41
CA GLN B 58 -18.75 -27.25 -13.11
C GLN B 58 -17.43 -26.73 -12.58
N VAL B 59 -17.32 -25.41 -12.55
CA VAL B 59 -16.14 -24.74 -12.02
C VAL B 59 -16.62 -23.85 -10.87
N LEU B 60 -15.94 -23.94 -9.74
CA LEU B 60 -16.30 -23.15 -8.58
C LEU B 60 -15.37 -21.96 -8.58
N PHE B 61 -15.94 -20.77 -8.49
CA PHE B 61 -15.15 -19.56 -8.46
C PHE B 61 -15.29 -18.99 -7.06
N VAL B 62 -14.21 -19.07 -6.29
CA VAL B 62 -14.22 -18.57 -4.94
C VAL B 62 -13.51 -17.24 -4.88
N ASP B 63 -14.21 -16.24 -4.36
CA ASP B 63 -13.63 -14.92 -4.22
C ASP B 63 -13.33 -14.76 -2.73
N GLY B 64 -12.07 -14.97 -2.37
CA GLY B 64 -11.63 -14.83 -1.00
C GLY B 64 -11.13 -13.42 -0.77
N GLY B 65 -11.55 -12.50 -1.64
CA GLY B 65 -11.13 -11.12 -1.49
C GLY B 65 -9.65 -10.87 -1.71
N GLY B 66 -8.92 -11.90 -2.13
CA GLY B 66 -7.50 -11.74 -2.39
C GLY B 66 -6.61 -11.99 -1.19
N SER B 67 -7.21 -12.25 -0.03
CA SER B 67 -6.44 -12.51 1.18
C SER B 67 -5.50 -13.70 1.02
N LEU B 68 -4.30 -13.62 1.62
CA LEU B 68 -3.34 -14.70 1.56
C LEU B 68 -3.04 -15.18 2.97
N ARG B 69 -3.86 -14.74 3.93
CA ARG B 69 -3.66 -15.13 5.33
C ARG B 69 -4.01 -16.59 5.62
N THR B 70 -5.13 -17.07 5.07
CA THR B 70 -5.54 -18.45 5.31
C THR B 70 -5.87 -19.14 4.00
N ALA B 71 -5.76 -20.47 3.99
CA ALA B 71 -6.03 -21.25 2.78
C ALA B 71 -7.52 -21.60 2.70
N LEU B 72 -8.14 -21.25 1.59
CA LEU B 72 -9.55 -21.56 1.38
C LEU B 72 -9.76 -22.97 0.89
N LEU B 73 -8.67 -23.66 0.53
CA LEU B 73 -8.75 -25.01 -0.01
C LEU B 73 -7.46 -25.81 0.28
N GLY B 74 -7.64 -27.06 0.69
CA GLY B 74 -6.51 -27.92 0.99
C GLY B 74 -6.49 -29.16 0.10
N GLY B 75 -5.60 -30.11 0.38
CA GLY B 75 -5.51 -31.33 -0.42
C GLY B 75 -6.73 -32.24 -0.35
N ASN B 76 -7.23 -32.47 0.86
CA ASN B 76 -8.38 -33.35 1.06
C ASN B 76 -9.63 -32.85 0.35
N LEU B 77 -9.87 -31.56 0.44
CA LEU B 77 -11.03 -30.96 -0.20
C LEU B 77 -10.85 -30.92 -1.73
N ALA B 78 -9.62 -30.69 -2.18
CA ALA B 78 -9.31 -30.64 -3.61
C ALA B 78 -9.58 -32.00 -4.23
N ARG B 79 -9.08 -33.04 -3.58
CA ARG B 79 -9.27 -34.41 -4.05
C ARG B 79 -10.73 -34.79 -3.98
N ARG B 80 -11.42 -34.23 -2.99
CA ARG B 80 -12.83 -34.49 -2.79
C ARG B 80 -13.60 -33.91 -3.97
N ALA B 81 -13.29 -32.65 -4.30
CA ALA B 81 -13.96 -31.99 -5.41
C ALA B 81 -13.76 -32.83 -6.68
N TRP B 82 -12.53 -33.29 -6.88
CA TRP B 82 -12.19 -34.08 -8.07
C TRP B 82 -13.03 -35.36 -8.15
N GLU B 83 -13.15 -36.06 -7.03
CA GLU B 83 -13.93 -37.27 -6.98
C GLU B 83 -15.42 -36.98 -7.17
N LYS B 84 -15.81 -35.73 -6.95
CA LYS B 84 -17.20 -35.32 -7.12
C LYS B 84 -17.44 -34.85 -8.56
N GLY B 85 -16.37 -34.87 -9.37
CA GLY B 85 -16.49 -34.46 -10.76
C GLY B 85 -16.30 -32.98 -11.06
N TRP B 86 -16.00 -32.19 -10.05
CA TRP B 86 -15.78 -30.77 -10.28
C TRP B 86 -14.65 -30.63 -11.30
N ALA B 87 -14.82 -29.73 -12.26
CA ALA B 87 -13.80 -29.53 -13.28
C ALA B 87 -12.64 -28.66 -12.82
N GLY B 88 -12.86 -27.88 -11.77
CA GLY B 88 -11.82 -27.00 -11.27
C GLY B 88 -12.31 -25.93 -10.28
N VAL B 89 -11.35 -25.31 -9.62
CA VAL B 89 -11.66 -24.28 -8.62
C VAL B 89 -10.70 -23.12 -8.82
N VAL B 90 -11.27 -21.93 -8.98
CA VAL B 90 -10.49 -20.71 -9.13
C VAL B 90 -10.63 -19.97 -7.80
N VAL B 91 -9.51 -19.67 -7.14
CA VAL B 91 -9.58 -19.01 -5.85
C VAL B 91 -8.88 -17.65 -5.82
N HIS B 92 -9.65 -16.57 -5.72
CA HIS B 92 -9.04 -15.24 -5.60
C HIS B 92 -8.73 -15.15 -4.11
N GLY B 93 -7.65 -15.81 -3.72
CA GLY B 93 -7.22 -15.87 -2.34
C GLY B 93 -6.19 -16.98 -2.34
N ALA B 94 -5.93 -17.60 -1.18
CA ALA B 94 -4.90 -18.65 -1.14
C ALA B 94 -5.36 -20.07 -0.87
N VAL B 95 -4.44 -21.02 -1.07
CA VAL B 95 -4.68 -22.43 -0.88
C VAL B 95 -3.47 -23.00 -0.12
N ARG B 96 -3.52 -24.29 0.20
CA ARG B 96 -2.40 -24.91 0.89
C ARG B 96 -2.26 -26.37 0.48
N ASP B 97 -1.18 -27.01 0.92
CA ASP B 97 -0.88 -28.42 0.57
C ASP B 97 -0.52 -28.47 -0.90
N THR B 98 0.20 -27.45 -1.38
CA THR B 98 0.56 -27.38 -2.78
C THR B 98 1.13 -28.68 -3.34
N GLU B 99 1.83 -29.45 -2.51
CA GLU B 99 2.41 -30.71 -2.96
C GLU B 99 1.29 -31.68 -3.33
N GLU B 100 0.31 -31.81 -2.46
CA GLU B 100 -0.86 -32.66 -2.71
C GLU B 100 -1.68 -32.13 -3.90
N LEU B 101 -1.88 -30.82 -3.96
CA LEU B 101 -2.67 -30.19 -5.01
C LEU B 101 -2.18 -30.52 -6.42
N ARG B 102 -0.85 -30.50 -6.62
CA ARG B 102 -0.26 -30.79 -7.92
C ARG B 102 -0.70 -32.17 -8.42
N GLU B 103 -1.06 -33.05 -7.48
CA GLU B 103 -1.49 -34.41 -7.81
C GLU B 103 -2.99 -34.56 -8.14
N VAL B 104 -3.76 -33.48 -7.97
CA VAL B 104 -5.19 -33.54 -8.24
C VAL B 104 -5.39 -33.04 -9.68
N PRO B 105 -5.77 -33.95 -10.58
CA PRO B 105 -5.98 -33.65 -11.99
C PRO B 105 -7.19 -32.81 -12.43
N ILE B 106 -7.38 -31.65 -11.81
CA ILE B 106 -8.45 -30.73 -12.19
C ILE B 106 -7.83 -29.36 -12.10
N GLY B 107 -8.59 -28.32 -12.45
CA GLY B 107 -8.02 -26.98 -12.38
C GLY B 107 -8.03 -26.50 -10.95
N LEU B 108 -6.90 -25.96 -10.51
CA LEU B 108 -6.79 -25.45 -9.16
C LEU B 108 -5.92 -24.20 -9.17
N LEU B 109 -6.55 -23.05 -9.50
CA LEU B 109 -5.86 -21.77 -9.57
C LEU B 109 -6.05 -20.93 -8.32
N ALA B 110 -4.98 -20.29 -7.88
CA ALA B 110 -5.02 -19.45 -6.70
C ALA B 110 -3.92 -18.39 -6.78
N LEU B 111 -4.03 -17.35 -5.96
CA LEU B 111 -3.01 -16.31 -5.96
C LEU B 111 -1.74 -16.79 -5.27
N ALA B 112 -1.89 -17.64 -4.26
CA ALA B 112 -0.73 -18.15 -3.54
C ALA B 112 -1.06 -19.22 -2.51
N ALA B 113 0.01 -19.83 -2.00
CA ALA B 113 -0.10 -20.84 -0.98
C ALA B 113 0.14 -20.16 0.35
N THR B 114 -0.45 -20.70 1.41
CA THR B 114 -0.25 -20.15 2.74
C THR B 114 -0.51 -21.32 3.67
N PRO B 115 0.18 -21.36 4.83
CA PRO B 115 0.08 -22.41 5.84
C PRO B 115 -1.20 -22.52 6.65
N LYS B 116 -1.68 -21.38 7.14
CA LYS B 116 -2.86 -21.39 8.00
C LYS B 116 -4.16 -21.85 7.34
N LYS B 117 -4.87 -22.76 8.01
CA LYS B 117 -6.13 -23.23 7.48
C LYS B 117 -7.11 -22.11 7.81
N SER B 118 -8.24 -22.05 7.11
CA SER B 118 -9.20 -20.99 7.36
C SER B 118 -10.16 -21.37 8.49
N ALA B 119 -10.91 -20.38 8.95
CA ALA B 119 -11.90 -20.60 9.99
C ALA B 119 -13.04 -21.35 9.30
N LYS B 120 -13.91 -21.98 10.09
CA LYS B 120 -15.03 -22.73 9.52
C LYS B 120 -16.36 -22.31 10.13
N GLU B 121 -16.60 -21.00 10.18
CA GLU B 121 -17.84 -20.49 10.75
C GLU B 121 -19.00 -20.55 9.75
N GLY B 122 -18.68 -20.79 8.49
CA GLY B 122 -19.70 -20.92 7.46
C GLY B 122 -20.35 -19.68 6.87
N LYS B 123 -19.77 -18.50 7.09
CA LYS B 123 -20.35 -17.29 6.52
C LYS B 123 -19.91 -17.08 5.07
N GLY B 124 -20.71 -16.35 4.30
CA GLY B 124 -20.38 -16.10 2.90
C GLY B 124 -21.61 -16.11 2.01
N GLU B 125 -21.43 -15.79 0.73
CA GLU B 125 -22.55 -15.78 -0.21
C GLU B 125 -22.36 -16.75 -1.37
N VAL B 126 -23.37 -17.57 -1.61
CA VAL B 126 -23.33 -18.56 -2.67
C VAL B 126 -24.10 -18.14 -3.94
N ASP B 127 -23.48 -18.37 -5.09
CA ASP B 127 -24.08 -18.03 -6.37
C ASP B 127 -24.64 -16.62 -6.53
N VAL B 128 -23.80 -15.62 -6.23
CA VAL B 128 -24.18 -14.22 -6.40
C VAL B 128 -23.13 -13.62 -7.33
N PRO B 129 -23.45 -12.50 -8.00
CA PRO B 129 -22.43 -11.93 -8.90
C PRO B 129 -21.13 -11.69 -8.11
N LEU B 130 -19.99 -11.77 -8.78
CA LEU B 130 -18.71 -11.53 -8.12
C LEU B 130 -18.01 -10.40 -8.87
N LYS B 131 -17.07 -9.73 -8.22
CA LYS B 131 -16.32 -8.66 -8.88
C LYS B 131 -14.85 -8.93 -8.59
N VAL B 132 -14.20 -9.61 -9.55
CA VAL B 132 -12.80 -9.97 -9.43
C VAL B 132 -11.98 -9.16 -10.40
N LEU B 133 -11.04 -8.40 -9.85
CA LEU B 133 -10.16 -7.57 -10.66
C LEU B 133 -10.93 -6.75 -11.70
N GLY B 134 -11.90 -5.98 -11.23
CA GLY B 134 -12.68 -5.15 -12.13
C GLY B 134 -13.54 -5.88 -13.14
N VAL B 135 -13.58 -7.22 -13.07
CA VAL B 135 -14.41 -7.97 -14.01
C VAL B 135 -15.51 -8.70 -13.25
N GLU B 136 -16.72 -8.72 -13.79
CA GLU B 136 -17.80 -9.41 -13.10
C GLU B 136 -17.91 -10.89 -13.48
N VAL B 137 -18.06 -11.72 -12.46
CA VAL B 137 -18.18 -13.15 -12.63
C VAL B 137 -19.59 -13.53 -12.20
N LEU B 138 -20.39 -14.02 -13.14
CA LEU B 138 -21.76 -14.39 -12.84
C LEU B 138 -21.98 -15.88 -12.75
N PRO B 139 -22.73 -16.33 -11.73
CA PRO B 139 -23.01 -17.76 -11.59
C PRO B 139 -23.91 -18.15 -12.77
N GLY B 140 -23.64 -19.29 -13.40
CA GLY B 140 -24.44 -19.71 -14.53
C GLY B 140 -23.66 -19.57 -15.82
N SER B 141 -22.70 -18.65 -15.81
CA SER B 141 -21.83 -18.39 -16.94
C SER B 141 -20.95 -19.60 -17.21
N PHE B 142 -20.35 -19.64 -18.39
CA PHE B 142 -19.47 -20.75 -18.72
C PHE B 142 -18.03 -20.23 -18.74
N LEU B 143 -17.19 -20.83 -17.92
CA LEU B 143 -15.79 -20.42 -17.79
C LEU B 143 -14.78 -21.33 -18.50
N LEU B 144 -13.83 -20.69 -19.17
CA LEU B 144 -12.76 -21.36 -19.88
C LEU B 144 -11.47 -20.83 -19.27
N ALA B 145 -10.53 -21.73 -19.02
CA ALA B 145 -9.26 -21.37 -18.43
C ALA B 145 -8.09 -22.10 -19.07
N ASP B 146 -7.00 -21.38 -19.28
CA ASP B 146 -5.78 -21.94 -19.85
C ASP B 146 -4.65 -20.98 -19.51
N GLU B 147 -3.46 -21.24 -20.05
CA GLU B 147 -2.31 -20.40 -19.78
C GLU B 147 -2.47 -18.93 -20.14
N ASP B 148 -3.38 -18.64 -21.06
CA ASP B 148 -3.59 -17.25 -21.49
C ASP B 148 -4.60 -16.49 -20.65
N GLY B 149 -5.21 -17.17 -19.68
CA GLY B 149 -6.16 -16.48 -18.83
C GLY B 149 -7.52 -17.14 -18.72
N LEU B 150 -8.47 -16.38 -18.17
CA LEU B 150 -9.84 -16.85 -17.93
C LEU B 150 -10.90 -16.10 -18.77
N LEU B 151 -11.78 -16.83 -19.43
CA LEU B 151 -12.84 -16.22 -20.22
C LEU B 151 -14.23 -16.67 -19.76
N LEU B 152 -15.11 -15.71 -19.52
CA LEU B 152 -16.48 -16.00 -19.09
C LEU B 152 -17.49 -15.68 -20.20
N LEU B 153 -18.28 -16.69 -20.57
CA LEU B 153 -19.30 -16.57 -21.61
C LEU B 153 -20.68 -16.88 -21.02
N PRO B 154 -21.76 -16.53 -21.74
CA PRO B 154 -23.13 -16.78 -21.26
C PRO B 154 -23.49 -18.25 -21.49
N GLU B 155 -22.85 -18.88 -22.46
CA GLU B 155 -23.12 -20.27 -22.81
C GLU B 155 -21.86 -20.90 -23.41
N PRO B 156 -21.70 -22.21 -23.26
CA PRO B 156 -20.56 -22.96 -23.78
C PRO B 156 -20.33 -22.69 -25.26
N PRO B 157 -19.07 -22.74 -25.71
CA PRO B 157 -18.78 -22.51 -27.14
C PRO B 157 -19.59 -23.47 -28.01
N SER B 158 -19.60 -23.23 -29.31
CA SER B 158 -20.34 -24.07 -30.26
C SER B 158 -19.83 -25.51 -30.29
N GLY B 159 -19.39 -26.01 -29.13
CA GLY B 159 -18.88 -27.36 -29.07
C GLY B 159 -19.87 -28.35 -28.47
N VAL B 160 -19.81 -28.53 -27.16
CA VAL B 160 -20.70 -29.45 -26.47
C VAL B 160 -20.62 -29.29 -24.95
N ARG B 161 -20.49 -28.04 -24.51
CA ARG B 161 -20.39 -27.68 -23.09
C ARG B 161 -19.62 -28.69 -22.23
N SER B 162 -19.83 -28.63 -20.92
CA SER B 162 -19.18 -29.51 -19.96
C SER B 162 -17.66 -29.32 -19.84
N GLY B 163 -16.96 -29.38 -20.96
CA GLY B 163 -15.52 -29.22 -20.93
C GLY B 163 -14.96 -28.32 -22.03
N GLY B 164 -15.84 -27.57 -22.68
CA GLY B 164 -15.40 -26.69 -23.74
C GLY B 164 -16.41 -26.54 -24.88
N MET C 1 11.69 -30.62 13.27
CA MET C 1 11.71 -29.45 12.34
C MET C 1 11.49 -29.90 10.91
N GLU C 2 11.06 -31.14 10.74
CA GLU C 2 10.82 -31.67 9.39
C GLU C 2 9.33 -31.86 9.14
N ALA C 3 8.50 -31.38 10.06
CA ALA C 3 7.07 -31.47 9.87
C ALA C 3 6.72 -30.42 8.83
N ARG C 4 5.48 -30.44 8.34
CA ARG C 4 5.08 -29.48 7.33
C ARG C 4 4.49 -28.25 8.01
N THR C 5 4.64 -27.09 7.37
CA THR C 5 4.10 -25.86 7.95
C THR C 5 2.60 -25.96 8.12
N THR C 6 1.94 -26.64 7.20
CA THR C 6 0.49 -26.78 7.26
C THR C 6 0.08 -27.60 8.48
N ASP C 7 0.72 -28.74 8.66
CA ASP C 7 0.39 -29.61 9.78
C ASP C 7 0.74 -29.00 11.15
N LEU C 8 1.86 -28.30 11.23
CA LEU C 8 2.28 -27.70 12.49
C LEU C 8 1.43 -26.49 12.86
N SER C 9 0.90 -25.82 11.85
CA SER C 9 0.05 -24.65 12.06
C SER C 9 -1.25 -25.15 12.68
N ASP C 10 -1.70 -26.31 12.22
CA ASP C 10 -2.93 -26.92 12.72
C ASP C 10 -2.80 -27.24 14.21
N LEU C 11 -1.60 -27.69 14.61
CA LEU C 11 -1.29 -28.02 16.01
C LEU C 11 -1.01 -26.77 16.83
N TYR C 12 -0.47 -25.75 16.18
CA TYR C 12 -0.15 -24.50 16.86
C TYR C 12 -0.88 -23.33 16.24
N PRO C 13 -2.21 -23.26 16.43
CA PRO C 13 -3.04 -22.19 15.87
C PRO C 13 -2.55 -20.78 16.21
N GLU C 14 -1.87 -20.65 17.34
CA GLU C 14 -1.34 -19.37 17.77
C GLU C 14 -0.06 -19.03 17.03
N GLY C 15 0.53 -20.03 16.38
CA GLY C 15 1.75 -19.81 15.62
C GLY C 15 1.47 -18.90 14.42
N GLU C 16 2.33 -17.93 14.20
CA GLU C 16 2.14 -17.02 13.08
C GLU C 16 2.75 -17.52 11.77
N ALA C 17 1.93 -17.49 10.73
CA ALA C 17 2.34 -17.95 9.41
C ALA C 17 2.37 -16.81 8.39
N LEU C 18 3.19 -17.00 7.36
CA LEU C 18 3.33 -16.05 6.26
C LEU C 18 3.13 -16.81 4.95
N PRO C 19 2.34 -16.24 4.01
CA PRO C 19 2.10 -16.92 2.72
C PRO C 19 3.36 -17.00 1.87
N MSE C 20 3.37 -17.92 0.93
CA MSE C 20 4.52 -18.10 0.06
C MSE C 20 4.48 -17.10 -1.08
O MSE C 20 4.20 -17.46 -2.22
CB MSE C 20 4.57 -19.54 -0.46
CG MSE C 20 5.85 -19.88 -1.24
SE MSE C 20 7.49 -19.25 -0.38
CE MSE C 20 8.19 -20.89 0.33
N VAL C 21 4.74 -15.84 -0.77
CA VAL C 21 4.78 -14.79 -1.77
C VAL C 21 6.23 -14.56 -2.17
N PHE C 22 7.10 -15.41 -1.62
CA PHE C 22 8.53 -15.37 -1.87
C PHE C 22 8.89 -16.41 -2.93
N LYS C 23 9.97 -16.20 -3.67
CA LYS C 23 10.42 -17.17 -4.66
C LYS C 23 11.58 -17.95 -4.01
N SER C 24 11.63 -19.28 -4.19
CA SER C 24 12.65 -20.16 -3.62
C SER C 24 13.83 -20.19 -4.56
N PHE C 25 14.84 -19.36 -4.27
CA PHE C 25 16.03 -19.28 -5.11
C PHE C 25 17.10 -20.33 -4.77
N GLY C 26 17.07 -20.82 -3.53
CA GLY C 26 18.06 -21.78 -3.07
C GLY C 26 17.90 -23.22 -3.48
N GLY C 27 18.85 -24.02 -3.04
CA GLY C 27 18.87 -25.44 -3.35
C GLY C 27 17.89 -26.23 -2.49
N ARG C 28 17.56 -25.68 -1.32
CA ARG C 28 16.63 -26.32 -0.42
C ARG C 28 15.35 -25.50 -0.45
N ALA C 29 14.22 -26.18 -0.56
CA ALA C 29 12.92 -25.51 -0.57
C ALA C 29 12.34 -25.60 0.83
N ARG C 30 12.70 -26.67 1.53
CA ARG C 30 12.23 -26.88 2.89
C ARG C 30 13.38 -26.78 3.87
N PHE C 31 13.27 -25.86 4.81
CA PHE C 31 14.29 -25.64 5.82
C PHE C 31 13.68 -25.04 7.08
N ALA C 32 14.42 -25.08 8.18
CA ALA C 32 13.92 -24.54 9.44
C ALA C 32 15.05 -24.35 10.45
N GLY C 33 14.86 -23.40 11.36
CA GLY C 33 15.87 -23.14 12.37
C GLY C 33 15.52 -21.94 13.23
N ARG C 34 16.27 -21.75 14.31
CA ARG C 34 16.03 -20.62 15.20
C ARG C 34 16.22 -19.37 14.36
N VAL C 35 15.33 -18.40 14.52
CA VAL C 35 15.42 -17.18 13.74
C VAL C 35 16.35 -16.12 14.34
N ARG C 36 16.82 -15.23 13.48
CA ARG C 36 17.64 -14.11 13.85
C ARG C 36 17.22 -13.00 12.88
N THR C 37 16.68 -11.94 13.45
CA THR C 37 16.18 -10.84 12.67
C THR C 37 17.20 -9.78 12.30
N LEU C 38 16.91 -9.09 11.21
CA LEU C 38 17.74 -8.02 10.69
C LEU C 38 16.85 -7.13 9.85
N ARG C 39 16.93 -5.82 10.09
CA ARG C 39 16.13 -4.87 9.33
C ARG C 39 17.08 -3.88 8.69
N VAL C 40 16.95 -3.73 7.37
CA VAL C 40 17.77 -2.83 6.59
C VAL C 40 16.95 -2.29 5.43
N PHE C 41 17.57 -1.44 4.63
CA PHE C 41 16.91 -0.86 3.48
C PHE C 41 17.90 -0.51 2.40
N GLU C 42 18.03 -1.37 1.39
CA GLU C 42 18.93 -1.13 0.28
C GLU C 42 20.38 -0.94 0.71
N ASP C 43 20.76 -1.68 1.76
CA ASP C 43 22.11 -1.65 2.29
C ASP C 43 22.26 -2.99 2.97
N ASN C 44 23.23 -3.79 2.53
CA ASN C 44 23.40 -5.12 3.09
C ASN C 44 24.65 -5.30 3.93
N ALA C 45 25.28 -4.20 4.34
CA ALA C 45 26.49 -4.29 5.16
C ALA C 45 26.25 -5.25 6.31
N LEU C 46 25.17 -5.03 7.05
CA LEU C 46 24.81 -5.88 8.19
C LEU C 46 24.50 -7.32 7.78
N VAL C 47 23.99 -7.52 6.57
CA VAL C 47 23.69 -8.87 6.12
C VAL C 47 24.97 -9.68 6.04
N ARG C 48 26.00 -9.12 5.44
CA ARG C 48 27.30 -9.81 5.32
C ARG C 48 27.93 -10.07 6.67
N LYS C 49 27.88 -9.07 7.54
CA LYS C 49 28.43 -9.15 8.88
C LYS C 49 27.83 -10.31 9.66
N VAL C 50 26.49 -10.33 9.71
CA VAL C 50 25.74 -11.36 10.43
C VAL C 50 25.98 -12.78 9.92
N LEU C 51 25.98 -12.96 8.61
CA LEU C 51 26.18 -14.30 8.06
C LEU C 51 27.62 -14.79 8.19
N GLU C 52 28.55 -13.88 8.43
CA GLU C 52 29.94 -14.30 8.58
C GLU C 52 30.04 -14.95 9.96
N GLU C 53 29.06 -14.65 10.82
CA GLU C 53 29.00 -15.23 12.15
C GLU C 53 28.72 -16.73 11.97
N GLU C 54 28.70 -17.48 13.06
CA GLU C 54 28.43 -18.90 12.95
C GLU C 54 26.93 -19.12 12.80
N GLY C 55 26.57 -19.90 11.79
CA GLY C 55 25.16 -20.19 11.52
C GLY C 55 24.49 -21.03 12.58
N ALA C 56 25.03 -22.22 12.84
CA ALA C 56 24.47 -23.11 13.85
C ALA C 56 23.03 -23.50 13.55
N GLY C 57 22.72 -23.72 12.27
CA GLY C 57 21.38 -24.13 11.89
C GLY C 57 20.28 -23.09 12.13
N GLN C 58 20.65 -21.81 12.13
CA GLN C 58 19.68 -20.74 12.33
C GLN C 58 19.21 -20.22 10.98
N VAL C 59 18.15 -19.45 10.98
CA VAL C 59 17.64 -18.87 9.75
C VAL C 59 17.65 -17.36 9.90
N LEU C 60 18.26 -16.69 8.93
CA LEU C 60 18.34 -15.24 8.93
C LEU C 60 17.12 -14.68 8.21
N PHE C 61 16.35 -13.85 8.92
CA PHE C 61 15.17 -13.25 8.34
C PHE C 61 15.46 -11.79 8.10
N VAL C 62 15.70 -11.43 6.85
CA VAL C 62 16.01 -10.06 6.51
C VAL C 62 14.76 -9.31 6.03
N ASP C 63 14.58 -8.11 6.56
CA ASP C 63 13.47 -7.27 6.18
C ASP C 63 14.02 -6.03 5.49
N GLY C 64 14.09 -6.10 4.16
CA GLY C 64 14.61 -4.98 3.40
C GLY C 64 13.54 -3.98 3.03
N GLY C 65 12.47 -3.97 3.80
CA GLY C 65 11.38 -3.03 3.53
C GLY C 65 10.63 -3.38 2.26
N GLY C 66 10.80 -4.62 1.81
CA GLY C 66 10.14 -5.07 0.60
C GLY C 66 10.61 -4.36 -0.65
N SER C 67 11.78 -3.75 -0.58
CA SER C 67 12.30 -3.04 -1.74
C SER C 67 12.93 -3.97 -2.78
N LEU C 68 12.65 -3.69 -4.05
CA LEU C 68 13.19 -4.51 -5.13
C LEU C 68 14.27 -3.73 -5.89
N ARG C 69 14.62 -2.56 -5.38
CA ARG C 69 15.61 -1.70 -6.03
C ARG C 69 17.03 -2.25 -5.97
N THR C 70 17.37 -2.92 -4.88
CA THR C 70 18.71 -3.48 -4.75
C THR C 70 18.68 -4.86 -4.12
N ALA C 71 19.71 -5.65 -4.41
CA ALA C 71 19.83 -6.98 -3.87
C ALA C 71 20.60 -6.97 -2.53
N LEU C 72 20.00 -7.57 -1.51
CA LEU C 72 20.60 -7.63 -0.19
C LEU C 72 21.48 -8.85 -0.04
N LEU C 73 21.46 -9.71 -1.05
CA LEU C 73 22.26 -10.92 -1.01
C LEU C 73 22.50 -11.49 -2.39
N GLY C 74 23.71 -12.02 -2.60
CA GLY C 74 24.08 -12.59 -3.87
C GLY C 74 24.68 -13.97 -3.73
N GLY C 75 25.37 -14.42 -4.76
CA GLY C 75 25.98 -15.73 -4.75
C GLY C 75 27.07 -15.85 -3.70
N ASN C 76 28.00 -14.89 -3.70
CA ASN C 76 29.10 -14.91 -2.75
C ASN C 76 28.60 -14.98 -1.32
N LEU C 77 27.66 -14.10 -0.96
CA LEU C 77 27.12 -14.10 0.39
C LEU C 77 26.31 -15.36 0.65
N ALA C 78 25.64 -15.88 -0.37
CA ALA C 78 24.86 -17.11 -0.19
C ALA C 78 25.80 -18.26 0.15
N ARG C 79 26.87 -18.41 -0.63
CA ARG C 79 27.84 -19.47 -0.37
C ARG C 79 28.46 -19.34 1.02
N ARG C 80 28.78 -18.11 1.44
CA ARG C 80 29.36 -17.90 2.77
C ARG C 80 28.42 -18.45 3.83
N ALA C 81 27.16 -18.02 3.75
CA ALA C 81 26.15 -18.45 4.70
C ALA C 81 26.12 -19.96 4.82
N TRP C 82 26.13 -20.64 3.67
CA TRP C 82 26.13 -22.09 3.63
C TRP C 82 27.37 -22.67 4.32
N GLU C 83 28.54 -22.11 4.02
CA GLU C 83 29.77 -22.59 4.64
C GLU C 83 29.83 -22.24 6.12
N LYS C 84 28.97 -21.33 6.56
CA LYS C 84 28.93 -20.94 7.95
C LYS C 84 27.88 -21.70 8.76
N GLY C 85 27.17 -22.61 8.10
CA GLY C 85 26.17 -23.41 8.79
C GLY C 85 24.73 -22.93 8.91
N TRP C 86 24.37 -21.84 8.24
CA TRP C 86 23.01 -21.34 8.30
C TRP C 86 22.05 -22.30 7.57
N ALA C 87 20.86 -22.48 8.11
CA ALA C 87 19.86 -23.36 7.49
C ALA C 87 19.23 -22.65 6.30
N GLY C 88 19.11 -21.33 6.41
CA GLY C 88 18.54 -20.55 5.33
C GLY C 88 18.46 -19.06 5.59
N VAL C 89 18.16 -18.32 4.53
CA VAL C 89 18.01 -16.87 4.59
C VAL C 89 16.68 -16.52 3.92
N VAL C 90 15.90 -15.68 4.58
CA VAL C 90 14.61 -15.24 4.07
C VAL C 90 14.73 -13.73 3.86
N VAL C 91 14.46 -13.27 2.65
CA VAL C 91 14.61 -11.85 2.41
C VAL C 91 13.34 -11.15 1.97
N HIS C 92 12.87 -10.22 2.79
CA HIS C 92 11.70 -9.43 2.44
C HIS C 92 12.28 -8.32 1.57
N GLY C 93 12.72 -8.70 0.38
CA GLY C 93 13.30 -7.74 -0.55
C GLY C 93 13.87 -8.46 -1.76
N ALA C 94 14.98 -7.95 -2.29
CA ALA C 94 15.57 -8.54 -3.48
C ALA C 94 16.97 -9.13 -3.28
N VAL C 95 17.35 -10.02 -4.20
CA VAL C 95 18.64 -10.69 -4.20
C VAL C 95 19.08 -10.78 -5.67
N ARG C 96 20.24 -11.37 -5.91
CA ARG C 96 20.72 -11.52 -7.27
C ARG C 96 21.60 -12.76 -7.45
N ASP C 97 22.05 -12.97 -8.68
CA ASP C 97 22.87 -14.14 -9.02
C ASP C 97 21.97 -15.37 -8.96
N THR C 98 20.78 -15.24 -9.54
CA THR C 98 19.79 -16.31 -9.58
C THR C 98 20.42 -17.67 -9.89
N GLU C 99 21.28 -17.68 -10.89
CA GLU C 99 21.96 -18.91 -11.31
C GLU C 99 22.86 -19.51 -10.22
N GLU C 100 23.55 -18.63 -9.48
CA GLU C 100 24.44 -19.06 -8.40
C GLU C 100 23.68 -19.48 -7.14
N LEU C 101 22.60 -18.78 -6.83
CA LEU C 101 21.82 -19.08 -5.64
C LEU C 101 21.26 -20.51 -5.67
N ARG C 102 20.74 -20.90 -6.83
CA ARG C 102 20.14 -22.23 -7.01
C ARG C 102 21.10 -23.37 -6.70
N GLU C 103 22.40 -23.08 -6.75
CA GLU C 103 23.43 -24.08 -6.50
C GLU C 103 23.72 -24.31 -5.03
N VAL C 104 23.45 -23.31 -4.20
CA VAL C 104 23.70 -23.42 -2.76
C VAL C 104 22.60 -24.22 -2.05
N PRO C 105 22.96 -25.39 -1.47
CA PRO C 105 22.03 -26.27 -0.76
C PRO C 105 21.43 -25.78 0.55
N ILE C 106 20.91 -24.56 0.55
CA ILE C 106 20.27 -24.02 1.75
C ILE C 106 19.01 -23.25 1.33
N GLY C 107 18.24 -22.81 2.31
CA GLY C 107 17.03 -22.08 1.99
C GLY C 107 17.33 -20.63 1.64
N LEU C 108 16.81 -20.18 0.51
CA LEU C 108 16.99 -18.81 0.07
C LEU C 108 15.71 -18.27 -0.55
N LEU C 109 14.96 -17.48 0.22
CA LEU C 109 13.71 -16.89 -0.23
C LEU C 109 13.79 -15.38 -0.38
N ALA C 110 13.18 -14.84 -1.43
CA ALA C 110 13.17 -13.40 -1.68
C ALA C 110 11.98 -13.05 -2.57
N LEU C 111 11.57 -11.79 -2.55
CA LEU C 111 10.43 -11.36 -3.34
C LEU C 111 10.75 -11.41 -4.83
N ALA C 112 11.97 -11.04 -5.19
CA ALA C 112 12.36 -11.03 -6.60
C ALA C 112 13.88 -10.93 -6.73
N ALA C 113 14.36 -11.08 -7.96
CA ALA C 113 15.77 -10.95 -8.24
C ALA C 113 15.91 -9.57 -8.85
N THR C 114 17.00 -8.88 -8.54
CA THR C 114 17.23 -7.55 -9.07
C THR C 114 18.72 -7.35 -9.34
N PRO C 115 19.06 -6.68 -10.45
CA PRO C 115 20.44 -6.42 -10.87
C PRO C 115 21.40 -5.74 -9.89
N LYS C 116 21.14 -4.47 -9.58
CA LYS C 116 22.01 -3.69 -8.70
C LYS C 116 22.33 -4.22 -7.31
N LYS C 117 23.56 -3.95 -6.91
CA LYS C 117 24.06 -4.32 -5.59
C LYS C 117 23.56 -3.26 -4.60
N SER C 118 23.43 -3.63 -3.34
CA SER C 118 23.00 -2.68 -2.32
C SER C 118 24.21 -1.88 -1.84
N ALA C 119 23.97 -0.89 -1.00
CA ALA C 119 25.06 -0.07 -0.47
C ALA C 119 25.76 -0.85 0.64
N LYS C 120 26.99 -0.44 0.94
CA LYS C 120 27.79 -1.13 1.94
C LYS C 120 28.22 -0.21 3.08
N GLU C 121 27.25 0.46 3.70
CA GLU C 121 27.52 1.36 4.81
C GLU C 121 27.36 0.62 6.13
N GLY C 122 26.13 0.24 6.46
CA GLY C 122 25.89 -0.50 7.69
C GLY C 122 24.69 -0.08 8.51
N LYS C 123 23.77 0.65 7.88
CA LYS C 123 22.56 1.09 8.57
C LYS C 123 21.67 -0.13 8.82
N GLY C 124 20.86 -0.09 9.86
CA GLY C 124 20.00 -1.22 10.15
C GLY C 124 20.11 -1.72 11.58
N GLU C 125 19.20 -2.62 11.96
CA GLU C 125 19.19 -3.16 13.31
C GLU C 125 19.18 -4.69 13.35
N VAL C 126 19.91 -5.26 14.29
CA VAL C 126 19.96 -6.71 14.43
C VAL C 126 19.12 -7.13 15.62
N ASP C 127 18.71 -8.40 15.62
CA ASP C 127 17.91 -8.99 16.68
C ASP C 127 16.81 -8.10 17.27
N VAL C 128 15.97 -7.56 16.40
CA VAL C 128 14.87 -6.71 16.86
C VAL C 128 13.56 -7.28 16.30
N PRO C 129 12.44 -6.98 16.97
CA PRO C 129 11.14 -7.47 16.51
C PRO C 129 10.91 -6.97 15.09
N LEU C 130 10.32 -7.80 14.25
CA LEU C 130 10.05 -7.38 12.88
C LEU C 130 8.56 -7.42 12.55
N LYS C 131 8.18 -6.80 11.44
CA LYS C 131 6.79 -6.81 11.02
C LYS C 131 6.78 -6.90 9.51
N VAL C 132 6.51 -8.10 9.02
CA VAL C 132 6.47 -8.39 7.60
C VAL C 132 5.08 -8.85 7.21
N LEU C 133 4.45 -8.13 6.28
CA LEU C 133 3.12 -8.47 5.81
C LEU C 133 2.14 -8.69 6.98
N GLY C 134 2.23 -7.81 7.98
CA GLY C 134 1.34 -7.86 9.12
C GLY C 134 1.60 -8.95 10.15
N VAL C 135 2.76 -9.58 10.05
CA VAL C 135 3.13 -10.65 10.98
C VAL C 135 4.41 -10.30 11.74
N GLU C 136 4.43 -10.61 13.03
CA GLU C 136 5.60 -10.34 13.86
C GLU C 136 6.65 -11.42 13.81
N VAL C 137 7.88 -11.03 13.48
CA VAL C 137 9.02 -11.95 13.41
C VAL C 137 9.83 -11.62 14.65
N LEU C 138 9.80 -12.53 15.63
CA LEU C 138 10.51 -12.30 16.88
C LEU C 138 11.79 -13.07 17.12
N PRO C 139 12.85 -12.36 17.53
CA PRO C 139 14.14 -13.01 17.79
C PRO C 139 13.93 -14.16 18.78
N GLY C 140 14.62 -15.29 18.55
CA GLY C 140 14.47 -16.42 19.43
C GLY C 140 13.41 -17.39 18.97
N SER C 141 12.57 -16.95 18.03
CA SER C 141 11.51 -17.80 17.47
C SER C 141 12.10 -18.84 16.52
N PHE C 142 11.32 -19.87 16.24
CA PHE C 142 11.77 -20.94 15.35
C PHE C 142 11.01 -20.83 14.03
N LEU C 143 11.74 -20.63 12.93
CA LEU C 143 11.10 -20.50 11.62
C LEU C 143 11.08 -21.83 10.88
N LEU C 144 9.93 -22.14 10.29
CA LEU C 144 9.74 -23.36 9.52
C LEU C 144 9.35 -22.93 8.12
N ALA C 145 9.95 -23.52 7.10
CA ALA C 145 9.62 -23.13 5.73
C ALA C 145 9.50 -24.26 4.75
N ASP C 146 8.53 -24.14 3.85
CA ASP C 146 8.32 -25.12 2.79
C ASP C 146 7.52 -24.51 1.65
N GLU C 147 7.10 -25.34 0.70
CA GLU C 147 6.35 -24.88 -0.46
C GLU C 147 5.05 -24.14 -0.16
N ASP C 148 4.50 -24.33 1.03
CA ASP C 148 3.27 -23.66 1.37
C ASP C 148 3.47 -22.33 2.08
N GLY C 149 4.74 -21.94 2.27
CA GLY C 149 5.08 -20.70 2.98
C GLY C 149 5.90 -20.84 4.25
N LEU C 150 5.68 -19.95 5.22
CA LEU C 150 6.47 -19.95 6.45
C LEU C 150 5.68 -19.97 7.77
N LEU C 151 6.26 -20.62 8.78
CA LEU C 151 5.64 -20.67 10.10
C LEU C 151 6.62 -20.31 11.23
N LEU C 152 6.28 -19.29 12.00
CA LEU C 152 7.12 -18.87 13.13
C LEU C 152 6.57 -19.40 14.45
N LEU C 153 7.34 -20.27 15.10
CA LEU C 153 6.93 -20.88 16.36
C LEU C 153 7.87 -20.46 17.48
N PRO C 154 7.33 -20.38 18.71
CA PRO C 154 8.10 -19.98 19.89
C PRO C 154 9.04 -21.08 20.39
N GLU C 155 8.88 -22.29 19.85
CA GLU C 155 9.71 -23.43 20.24
C GLU C 155 9.73 -24.49 19.15
N PRO C 156 10.90 -25.07 18.89
CA PRO C 156 11.02 -26.12 17.86
C PRO C 156 10.00 -27.23 18.11
N PRO C 157 9.42 -27.78 17.02
CA PRO C 157 8.43 -28.85 17.18
C PRO C 157 9.05 -30.04 17.90
N SER C 158 8.23 -30.82 18.60
CA SER C 158 8.74 -31.98 19.34
C SER C 158 8.04 -33.29 18.93
N GLY C 159 8.24 -34.31 19.74
CA GLY C 159 7.65 -35.62 19.46
C GLY C 159 8.39 -36.71 20.21
N VAL C 160 9.61 -36.40 20.64
CA VAL C 160 10.46 -37.34 21.38
C VAL C 160 9.66 -38.05 22.48
N ARG C 161 9.33 -37.31 23.53
CA ARG C 161 8.57 -37.84 24.66
C ARG C 161 7.47 -36.89 25.07
N MET D 1 -8.87 -1.79 -13.08
CA MET D 1 -9.63 -0.53 -13.33
C MET D 1 -8.71 0.68 -13.44
N GLU D 2 -9.27 1.87 -13.20
CA GLU D 2 -8.52 3.12 -13.25
C GLU D 2 -9.49 4.28 -13.00
N ALA D 3 -9.54 5.23 -13.93
CA ALA D 3 -10.43 6.39 -13.82
C ALA D 3 -10.19 7.17 -12.52
N ARG D 4 -9.61 8.37 -12.65
CA ARG D 4 -9.32 9.19 -11.50
C ARG D 4 -10.38 10.26 -11.23
N THR D 5 -10.67 10.48 -9.95
CA THR D 5 -11.65 11.48 -9.52
C THR D 5 -11.26 12.83 -10.11
N THR D 6 -9.95 13.05 -10.22
CA THR D 6 -9.42 14.30 -10.75
C THR D 6 -9.71 14.39 -12.24
N ASP D 7 -9.50 13.29 -12.97
CA ASP D 7 -9.73 13.28 -14.42
C ASP D 7 -11.21 13.47 -14.75
N LEU D 8 -12.08 12.79 -14.02
CA LEU D 8 -13.52 12.87 -14.26
C LEU D 8 -14.16 14.16 -13.73
N SER D 9 -13.37 14.96 -13.03
CA SER D 9 -13.89 16.21 -12.49
C SER D 9 -13.96 17.21 -13.64
N ASP D 10 -12.93 17.17 -14.48
CA ASP D 10 -12.83 18.06 -15.63
C ASP D 10 -13.98 17.86 -16.61
N LEU D 11 -14.54 16.64 -16.61
CA LEU D 11 -15.64 16.31 -17.50
C LEU D 11 -17.02 16.63 -16.93
N TYR D 12 -17.16 16.54 -15.61
CA TYR D 12 -18.44 16.82 -14.98
C TYR D 12 -18.41 18.04 -14.04
N PRO D 13 -18.35 19.25 -14.62
CA PRO D 13 -18.30 20.49 -13.82
C PRO D 13 -19.54 20.58 -12.93
N GLU D 14 -20.59 19.89 -13.36
CA GLU D 14 -21.87 19.85 -12.66
C GLU D 14 -21.76 18.99 -11.40
N GLY D 15 -20.71 18.18 -11.37
CA GLY D 15 -20.49 17.30 -10.25
C GLY D 15 -19.81 17.99 -9.08
N GLU D 16 -20.37 17.67 -7.90
CA GLU D 16 -19.91 18.17 -6.57
C GLU D 16 -18.74 17.34 -6.10
N ALA D 17 -17.85 17.95 -5.35
CA ALA D 17 -16.72 17.22 -4.81
C ALA D 17 -16.50 17.41 -3.32
N LEU D 18 -15.51 16.68 -2.79
CA LEU D 18 -15.16 16.75 -1.38
C LEU D 18 -13.66 16.52 -1.38
N PRO D 19 -12.91 17.34 -0.58
CA PRO D 19 -11.48 17.14 -0.53
C PRO D 19 -11.21 15.86 0.21
N MSE D 20 -9.96 15.40 0.23
CA MSE D 20 -9.64 14.18 0.97
C MSE D 20 -9.30 14.55 2.41
O MSE D 20 -8.12 14.71 2.77
CB MSE D 20 -8.45 13.44 0.35
CG MSE D 20 -8.01 12.16 1.09
SE MSE D 20 -9.48 10.94 1.51
CE MSE D 20 -10.24 10.71 -0.24
N VAL D 21 -10.34 14.72 3.23
CA VAL D 21 -10.14 15.06 4.64
C VAL D 21 -10.42 13.84 5.50
N PHE D 22 -10.70 12.73 4.83
CA PHE D 22 -10.96 11.47 5.53
C PHE D 22 -9.68 10.68 5.41
N LYS D 23 -9.52 9.69 6.27
CA LYS D 23 -8.37 8.83 6.23
C LYS D 23 -8.81 7.48 5.66
N SER D 24 -8.00 6.90 4.79
CA SER D 24 -8.29 5.64 4.14
C SER D 24 -7.95 4.49 5.09
N PHE D 25 -8.98 3.77 5.52
CA PHE D 25 -8.85 2.66 6.45
C PHE D 25 -8.94 1.27 5.78
N GLY D 26 -9.70 1.17 4.70
CA GLY D 26 -9.86 -0.10 4.02
C GLY D 26 -8.69 -0.59 3.18
N GLY D 27 -8.84 -1.80 2.63
CA GLY D 27 -7.81 -2.39 1.80
C GLY D 27 -7.73 -1.77 0.42
N ARG D 28 -8.68 -0.89 0.10
CA ARG D 28 -8.70 -0.21 -1.19
C ARG D 28 -8.91 1.29 -0.99
N ALA D 29 -8.08 2.09 -1.65
CA ALA D 29 -8.16 3.55 -1.58
C ALA D 29 -9.04 4.06 -2.71
N ARG D 30 -8.96 3.38 -3.85
CA ARG D 30 -9.76 3.74 -5.00
C ARG D 30 -10.97 2.82 -5.10
N PHE D 31 -12.15 3.43 -5.08
CA PHE D 31 -13.41 2.67 -5.17
C PHE D 31 -14.56 3.56 -5.62
N ALA D 32 -15.66 2.92 -5.99
CA ALA D 32 -16.85 3.65 -6.46
C ALA D 32 -18.11 2.76 -6.46
N GLY D 33 -19.24 3.38 -6.76
CA GLY D 33 -20.49 2.65 -6.81
C GLY D 33 -21.70 3.52 -6.47
N ARG D 34 -22.86 3.17 -7.02
CA ARG D 34 -24.07 3.95 -6.73
C ARG D 34 -24.08 4.25 -5.25
N VAL D 35 -24.63 5.42 -4.89
CA VAL D 35 -24.63 5.83 -3.49
C VAL D 35 -25.90 5.58 -2.69
N ARG D 36 -25.71 4.98 -1.53
CA ARG D 36 -26.78 4.73 -0.59
C ARG D 36 -26.42 5.70 0.53
N THR D 37 -27.41 6.16 1.29
CA THR D 37 -27.12 7.11 2.35
C THR D 37 -27.69 6.67 3.68
N LEU D 38 -27.22 7.30 4.75
CA LEU D 38 -27.68 6.97 6.09
C LEU D 38 -27.12 8.01 7.04
N ARG D 39 -27.99 8.63 7.82
CA ARG D 39 -27.57 9.62 8.78
C ARG D 39 -27.92 9.10 10.16
N VAL D 40 -26.92 9.03 11.03
CA VAL D 40 -27.09 8.53 12.38
C VAL D 40 -26.26 9.37 13.35
N PHE D 41 -26.28 9.01 14.62
CA PHE D 41 -25.51 9.76 15.62
C PHE D 41 -25.09 8.86 16.78
N GLU D 42 -23.81 8.52 16.80
CA GLU D 42 -23.23 7.67 17.84
C GLU D 42 -24.02 6.37 18.01
N ASP D 43 -24.74 6.00 16.94
CA ASP D 43 -25.55 4.78 16.90
C ASP D 43 -25.45 4.20 15.50
N ASN D 44 -25.14 2.90 15.40
CA ASN D 44 -24.98 2.26 14.09
C ASN D 44 -25.89 1.08 13.77
N ALA D 45 -26.80 0.75 14.68
CA ALA D 45 -27.71 -0.38 14.46
C ALA D 45 -28.31 -0.38 13.04
N LEU D 46 -28.35 0.78 12.41
CA LEU D 46 -28.88 0.90 11.06
C LEU D 46 -27.76 0.75 10.05
N VAL D 47 -26.55 1.10 10.44
CA VAL D 47 -25.39 0.96 9.55
C VAL D 47 -25.37 -0.52 9.19
N ARG D 48 -25.58 -1.35 10.21
CA ARG D 48 -25.59 -2.80 10.05
C ARG D 48 -26.63 -3.25 9.04
N LYS D 49 -27.90 -3.08 9.39
CA LYS D 49 -29.01 -3.46 8.52
C LYS D 49 -28.70 -3.13 7.06
N VAL D 50 -28.39 -1.86 6.80
CA VAL D 50 -28.08 -1.43 5.44
C VAL D 50 -26.95 -2.24 4.81
N LEU D 51 -26.02 -2.70 5.65
CA LEU D 51 -24.88 -3.48 5.19
C LEU D 51 -25.15 -4.97 5.24
N GLU D 52 -26.24 -5.36 5.89
CA GLU D 52 -26.63 -6.76 5.99
C GLU D 52 -27.46 -7.08 4.76
N GLU D 53 -27.78 -6.04 3.99
CA GLU D 53 -28.56 -6.18 2.77
C GLU D 53 -27.62 -6.28 1.58
N GLU D 54 -28.15 -6.57 0.40
CA GLU D 54 -27.33 -6.68 -0.80
C GLU D 54 -26.81 -5.30 -1.19
N GLY D 55 -25.50 -5.18 -1.42
CA GLY D 55 -24.94 -3.91 -1.78
C GLY D 55 -24.25 -3.90 -3.14
N ALA D 56 -24.45 -4.97 -3.89
CA ALA D 56 -23.86 -5.13 -5.22
C ALA D 56 -23.35 -3.85 -5.86
N GLY D 57 -22.04 -3.63 -5.73
CA GLY D 57 -21.42 -2.45 -6.32
C GLY D 57 -21.97 -1.10 -5.92
N GLN D 58 -22.17 -0.89 -4.62
CA GLN D 58 -22.68 0.37 -4.13
C GLN D 58 -21.80 0.90 -3.01
N VAL D 59 -22.01 2.16 -2.66
CA VAL D 59 -21.24 2.79 -1.60
C VAL D 59 -22.17 3.38 -0.55
N LEU D 60 -22.00 2.96 0.70
CA LEU D 60 -22.81 3.48 1.79
C LEU D 60 -22.14 4.73 2.37
N PHE D 61 -22.84 5.85 2.29
CA PHE D 61 -22.32 7.11 2.80
C PHE D 61 -23.01 7.39 4.13
N VAL D 62 -22.32 7.10 5.23
CA VAL D 62 -22.89 7.33 6.55
C VAL D 62 -22.55 8.73 7.04
N ASP D 63 -23.55 9.41 7.59
CA ASP D 63 -23.36 10.75 8.13
C ASP D 63 -23.45 10.61 9.64
N GLY D 64 -22.30 10.38 10.26
CA GLY D 64 -22.26 10.23 11.70
C GLY D 64 -22.22 11.57 12.40
N GLY D 65 -22.49 12.64 11.65
CA GLY D 65 -22.49 13.98 12.22
C GLY D 65 -21.12 14.46 12.66
N GLY D 66 -20.08 13.80 12.16
CA GLY D 66 -18.72 14.19 12.50
C GLY D 66 -18.28 13.73 13.88
N SER D 67 -19.15 13.04 14.61
CA SER D 67 -18.79 12.59 15.94
C SER D 67 -17.63 11.60 15.90
N LEU D 68 -16.72 11.74 16.87
CA LEU D 68 -15.56 10.88 16.98
C LEU D 68 -15.59 10.13 18.31
N ARG D 69 -16.70 10.22 19.03
CA ARG D 69 -16.81 9.58 20.33
C ARG D 69 -17.09 8.08 20.30
N THR D 70 -17.71 7.59 19.22
CA THR D 70 -18.02 6.16 19.08
C THR D 70 -17.87 5.68 17.64
N ALA D 71 -17.39 4.45 17.49
CA ALA D 71 -17.19 3.85 16.17
C ALA D 71 -18.52 3.44 15.55
N LEU D 72 -18.71 3.84 14.29
CA LEU D 72 -19.93 3.52 13.58
C LEU D 72 -19.79 2.22 12.80
N LEU D 73 -18.62 1.58 12.94
CA LEU D 73 -18.34 0.35 12.24
C LEU D 73 -16.96 -0.20 12.60
N GLY D 74 -16.91 -1.49 12.93
CA GLY D 74 -15.65 -2.14 13.27
C GLY D 74 -15.25 -3.10 12.15
N GLY D 75 -14.34 -4.02 12.46
CA GLY D 75 -13.88 -4.97 11.45
C GLY D 75 -14.89 -6.02 11.05
N ASN D 76 -15.67 -6.50 12.02
CA ASN D 76 -16.66 -7.53 11.74
C ASN D 76 -17.72 -7.05 10.78
N LEU D 77 -18.11 -5.78 10.91
CA LEU D 77 -19.12 -5.21 10.03
C LEU D 77 -18.56 -4.95 8.65
N ALA D 78 -17.29 -4.51 8.60
CA ALA D 78 -16.61 -4.21 7.35
C ALA D 78 -16.55 -5.49 6.52
N ARG D 79 -16.26 -6.60 7.19
CA ARG D 79 -16.16 -7.87 6.51
C ARG D 79 -17.54 -8.31 6.03
N ARG D 80 -18.55 -8.01 6.85
CA ARG D 80 -19.94 -8.37 6.52
C ARG D 80 -20.35 -7.59 5.30
N ALA D 81 -19.90 -6.33 5.21
CA ALA D 81 -20.22 -5.49 4.07
C ALA D 81 -19.55 -6.01 2.81
N TRP D 82 -18.34 -6.51 2.96
CA TRP D 82 -17.62 -7.05 1.81
C TRP D 82 -18.34 -8.27 1.25
N GLU D 83 -18.63 -9.24 2.11
CA GLU D 83 -19.34 -10.45 1.69
C GLU D 83 -20.61 -10.08 0.95
N LYS D 84 -21.31 -9.07 1.45
CA LYS D 84 -22.58 -8.62 0.86
C LYS D 84 -22.47 -7.91 -0.48
N GLY D 85 -21.23 -7.65 -0.91
CA GLY D 85 -21.06 -7.01 -2.20
C GLY D 85 -20.86 -5.51 -2.23
N TRP D 86 -20.83 -4.85 -1.07
CA TRP D 86 -20.61 -3.40 -1.06
C TRP D 86 -19.19 -3.10 -1.53
N ALA D 87 -19.05 -2.02 -2.30
CA ALA D 87 -17.74 -1.63 -2.81
C ALA D 87 -17.04 -0.71 -1.82
N GLY D 88 -17.82 0.03 -1.05
CA GLY D 88 -17.22 0.93 -0.08
C GLY D 88 -18.14 1.58 0.92
N VAL D 89 -17.55 2.00 2.03
CA VAL D 89 -18.28 2.67 3.10
C VAL D 89 -17.57 3.96 3.46
N VAL D 90 -18.27 5.07 3.26
CA VAL D 90 -17.74 6.39 3.58
C VAL D 90 -18.39 6.79 4.92
N VAL D 91 -17.60 7.28 5.86
CA VAL D 91 -18.16 7.64 7.16
C VAL D 91 -17.76 8.99 7.70
N HIS D 92 -18.68 9.94 7.69
CA HIS D 92 -18.36 11.23 8.27
C HIS D 92 -18.60 11.03 9.75
N GLY D 93 -17.67 10.30 10.34
CA GLY D 93 -17.72 9.98 11.75
C GLY D 93 -16.49 9.14 12.00
N ALA D 94 -16.53 8.26 13.00
CA ALA D 94 -15.38 7.44 13.31
C ALA D 94 -15.60 5.94 13.08
N VAL D 95 -14.54 5.16 13.29
CA VAL D 95 -14.57 3.71 13.12
C VAL D 95 -13.55 3.13 14.08
N ARG D 96 -13.35 1.81 14.03
CA ARG D 96 -12.37 1.17 14.90
C ARG D 96 -11.91 -0.17 14.33
N ASP D 97 -10.92 -0.78 14.98
CA ASP D 97 -10.33 -2.05 14.54
C ASP D 97 -9.47 -1.76 13.31
N THR D 98 -8.74 -0.65 13.36
CA THR D 98 -7.87 -0.17 12.28
C THR D 98 -7.05 -1.25 11.59
N GLU D 99 -6.50 -2.17 12.39
CA GLU D 99 -5.69 -3.25 11.87
C GLU D 99 -6.49 -4.26 11.04
N GLU D 100 -7.72 -4.51 11.46
CA GLU D 100 -8.60 -5.44 10.76
C GLU D 100 -9.10 -4.77 9.48
N LEU D 101 -9.51 -3.50 9.60
CA LEU D 101 -10.04 -2.72 8.48
C LEU D 101 -9.13 -2.67 7.25
N ARG D 102 -7.82 -2.64 7.47
CA ARG D 102 -6.88 -2.58 6.35
C ARG D 102 -6.94 -3.86 5.51
N GLU D 103 -7.31 -4.98 6.15
CA GLU D 103 -7.38 -6.27 5.47
C GLU D 103 -8.66 -6.47 4.65
N VAL D 104 -9.70 -5.69 4.95
CA VAL D 104 -10.95 -5.82 4.23
C VAL D 104 -10.85 -5.18 2.84
N PRO D 105 -11.06 -5.99 1.78
CA PRO D 105 -11.00 -5.56 0.38
C PRO D 105 -12.11 -4.63 -0.06
N ILE D 106 -12.25 -3.49 0.62
CA ILE D 106 -13.27 -2.51 0.28
C ILE D 106 -12.78 -1.10 0.58
N GLY D 107 -13.53 -0.12 0.11
CA GLY D 107 -13.15 1.26 0.37
C GLY D 107 -13.71 1.58 1.73
N LEU D 108 -12.90 2.20 2.59
CA LEU D 108 -13.36 2.55 3.92
C LEU D 108 -12.72 3.86 4.35
N LEU D 109 -13.44 4.96 4.12
CA LEU D 109 -12.97 6.29 4.49
C LEU D 109 -13.71 6.78 5.74
N ALA D 110 -12.98 7.40 6.66
CA ALA D 110 -13.56 7.95 7.89
C ALA D 110 -12.68 9.04 8.48
N LEU D 111 -13.27 9.89 9.32
CA LEU D 111 -12.53 10.98 9.94
C LEU D 111 -11.41 10.50 10.87
N ALA D 112 -11.68 9.45 11.64
CA ALA D 112 -10.68 8.92 12.55
C ALA D 112 -11.17 7.67 13.27
N ALA D 113 -10.27 7.07 14.03
CA ALA D 113 -10.59 5.88 14.80
C ALA D 113 -10.78 6.26 16.27
N THR D 114 -11.74 5.62 16.93
CA THR D 114 -12.01 5.86 18.32
C THR D 114 -12.18 4.46 18.91
N PRO D 115 -11.87 4.27 20.19
CA PRO D 115 -12.01 2.95 20.82
C PRO D 115 -13.41 2.47 21.17
N LYS D 116 -14.36 3.39 21.34
CA LYS D 116 -15.71 2.98 21.73
C LYS D 116 -16.71 2.67 20.64
N LYS D 117 -17.49 1.61 20.87
CA LYS D 117 -18.51 1.18 19.93
C LYS D 117 -19.69 2.14 20.05
N SER D 118 -20.53 2.18 19.02
CA SER D 118 -21.68 3.05 19.04
C SER D 118 -22.87 2.39 19.74
N ALA D 119 -23.98 3.12 19.83
CA ALA D 119 -25.19 2.60 20.45
C ALA D 119 -26.02 1.88 19.41
N LYS D 120 -26.79 0.89 19.85
CA LYS D 120 -27.64 0.13 18.95
C LYS D 120 -29.10 0.24 19.38
N GLU D 121 -29.84 1.17 18.78
CA GLU D 121 -31.25 1.37 19.11
C GLU D 121 -32.05 1.53 17.82
N GLY D 122 -31.39 1.98 16.77
CA GLY D 122 -32.07 2.14 15.49
C GLY D 122 -32.34 3.56 15.06
N LYS D 123 -32.00 4.53 15.89
CA LYS D 123 -32.25 5.92 15.54
C LYS D 123 -31.50 6.28 14.26
N GLY D 124 -32.18 6.92 13.32
CA GLY D 124 -31.55 7.30 12.07
C GLY D 124 -32.48 7.50 10.89
N GLU D 125 -31.90 7.70 9.71
CA GLU D 125 -32.66 7.91 8.49
C GLU D 125 -31.92 7.26 7.32
N VAL D 126 -32.65 6.47 6.54
CA VAL D 126 -32.08 5.77 5.40
C VAL D 126 -32.38 6.38 4.04
N ASP D 127 -31.38 6.36 3.16
CA ASP D 127 -31.50 6.89 1.81
C ASP D 127 -32.10 8.31 1.72
N VAL D 128 -31.93 9.10 2.78
CA VAL D 128 -32.42 10.47 2.80
C VAL D 128 -31.27 11.37 2.35
N PRO D 129 -31.60 12.58 1.86
CA PRO D 129 -30.51 13.47 1.42
C PRO D 129 -29.57 13.77 2.58
N LEU D 130 -28.28 13.85 2.29
CA LEU D 130 -27.29 14.14 3.32
C LEU D 130 -26.52 15.40 2.97
N LYS D 131 -26.07 16.12 3.99
CA LYS D 131 -25.29 17.32 3.74
C LYS D 131 -23.97 17.21 4.52
N VAL D 132 -22.89 16.98 3.77
CA VAL D 132 -21.57 16.82 4.35
C VAL D 132 -20.57 17.82 3.80
N LEU D 133 -20.05 18.66 4.69
CA LEU D 133 -19.05 19.66 4.30
C LEU D 133 -19.53 20.61 3.19
N GLY D 134 -20.71 21.18 3.38
CA GLY D 134 -21.24 22.10 2.40
C GLY D 134 -21.39 21.46 1.02
N VAL D 135 -21.84 20.20 1.03
CA VAL D 135 -22.07 19.45 -0.19
C VAL D 135 -23.28 18.57 0.04
N GLU D 136 -23.89 18.08 -1.03
CA GLU D 136 -25.06 17.24 -0.88
C GLU D 136 -24.81 15.83 -1.42
N VAL D 137 -25.25 14.84 -0.65
CA VAL D 137 -25.09 13.44 -1.04
C VAL D 137 -26.49 12.86 -1.20
N LEU D 138 -26.85 12.55 -2.44
CA LEU D 138 -28.16 11.99 -2.75
C LEU D 138 -28.07 10.55 -3.22
N PRO D 139 -28.93 9.67 -2.69
CA PRO D 139 -28.90 8.28 -3.13
C PRO D 139 -29.19 8.17 -4.63
N GLY D 140 -28.50 7.27 -5.31
CA GLY D 140 -28.71 7.10 -6.73
C GLY D 140 -27.51 7.60 -7.52
N SER D 141 -26.85 8.61 -6.96
CA SER D 141 -25.66 9.21 -7.57
C SER D 141 -24.50 8.21 -7.53
N PHE D 142 -23.51 8.42 -8.40
CA PHE D 142 -22.35 7.53 -8.45
C PHE D 142 -21.14 8.20 -7.79
N LEU D 143 -20.64 7.61 -6.70
CA LEU D 143 -19.48 8.16 -6.00
C LEU D 143 -18.18 7.52 -6.46
N LEU D 144 -17.13 8.33 -6.45
CA LEU D 144 -15.79 7.90 -6.83
C LEU D 144 -14.86 8.43 -5.75
N ALA D 145 -13.92 7.61 -5.32
CA ALA D 145 -12.99 8.04 -4.28
C ALA D 145 -11.59 7.52 -4.55
N ASP D 146 -10.60 8.37 -4.28
CA ASP D 146 -9.20 8.01 -4.45
C ASP D 146 -8.35 9.01 -3.69
N GLU D 147 -7.03 8.82 -3.70
CA GLU D 147 -6.10 9.69 -2.99
C GLU D 147 -6.27 11.21 -3.12
N ASP D 148 -7.18 11.66 -3.98
CA ASP D 148 -7.42 13.09 -4.15
C ASP D 148 -8.81 13.57 -3.72
N GLY D 149 -9.66 12.66 -3.22
CA GLY D 149 -10.98 13.05 -2.75
C GLY D 149 -12.14 12.22 -3.26
N LEU D 150 -13.35 12.75 -3.06
CA LEU D 150 -14.56 12.07 -3.50
C LEU D 150 -15.14 12.96 -4.62
N LEU D 151 -16.10 12.45 -5.39
CA LEU D 151 -16.76 13.19 -6.50
C LEU D 151 -18.10 12.52 -6.69
N LEU D 152 -19.17 13.31 -6.59
CA LEU D 152 -20.51 12.78 -6.70
C LEU D 152 -21.21 13.21 -7.98
N LEU D 153 -21.61 12.23 -8.79
CA LEU D 153 -22.28 12.48 -10.06
C LEU D 153 -23.74 12.07 -10.02
N PRO D 154 -24.59 12.69 -10.83
CA PRO D 154 -26.03 12.39 -10.89
C PRO D 154 -26.34 10.93 -11.25
N GLU D 155 -25.54 10.35 -12.15
CA GLU D 155 -25.71 8.97 -12.57
C GLU D 155 -24.37 8.35 -12.95
N PRO D 156 -24.23 7.02 -12.81
CA PRO D 156 -22.96 6.37 -13.16
C PRO D 156 -22.52 6.75 -14.57
N PRO D 157 -21.28 7.26 -14.70
CA PRO D 157 -20.69 7.67 -15.98
C PRO D 157 -20.03 6.53 -16.73
N SER D 158 -18.70 6.55 -16.74
CA SER D 158 -17.88 5.54 -17.40
C SER D 158 -17.88 5.66 -18.91
N GLY D 159 -17.29 4.66 -19.56
CA GLY D 159 -17.21 4.65 -21.00
C GLY D 159 -17.25 3.25 -21.58
N VAL D 160 -18.39 2.91 -22.16
CA VAL D 160 -18.57 1.60 -22.78
C VAL D 160 -17.90 1.66 -24.15
N ARG D 161 -17.25 2.80 -24.42
CA ARG D 161 -16.54 3.04 -25.67
C ARG D 161 -15.48 4.12 -25.43
N SER D 162 -14.70 3.95 -24.36
CA SER D 162 -13.64 4.89 -24.00
C SER D 162 -12.27 4.31 -24.29
N GLY D 163 -11.42 5.10 -24.93
CA GLY D 163 -10.08 4.63 -25.28
C GLY D 163 -10.06 3.90 -26.61
N GLY D 164 -9.46 2.73 -26.62
CA GLY D 164 -9.39 1.95 -27.85
C GLY D 164 -8.25 2.37 -28.76
N MET E 1 -0.81 -9.13 21.08
CA MET E 1 -1.34 -9.46 22.42
C MET E 1 -0.86 -8.46 23.47
N GLU E 2 -0.92 -7.18 23.12
CA GLU E 2 -0.51 -6.13 24.04
C GLU E 2 -1.72 -5.40 24.61
N ALA E 3 -2.87 -6.08 24.59
CA ALA E 3 -4.11 -5.53 25.09
C ALA E 3 -4.54 -4.32 24.26
N ARG E 4 -5.60 -4.48 23.48
CA ARG E 4 -6.10 -3.40 22.64
C ARG E 4 -7.15 -2.56 23.36
N THR E 5 -7.33 -1.33 22.88
CA THR E 5 -8.29 -0.42 23.46
C THR E 5 -9.75 -0.69 23.11
N THR E 6 -9.98 -1.46 22.05
CA THR E 6 -11.35 -1.77 21.65
C THR E 6 -11.95 -2.88 22.51
N ASP E 7 -11.12 -3.86 22.90
CA ASP E 7 -11.61 -4.94 23.74
C ASP E 7 -11.92 -4.42 25.14
N LEU E 8 -11.02 -3.61 25.67
CA LEU E 8 -11.21 -3.05 27.00
C LEU E 8 -12.39 -2.10 27.06
N SER E 9 -12.62 -1.37 25.98
CA SER E 9 -13.75 -0.44 25.94
C SER E 9 -15.06 -1.22 26.02
N ASP E 10 -14.99 -2.51 25.69
CA ASP E 10 -16.17 -3.36 25.76
C ASP E 10 -16.22 -3.97 27.17
N LEU E 11 -15.05 -4.42 27.65
CA LEU E 11 -14.91 -5.03 28.99
C LEU E 11 -15.15 -4.04 30.12
N TYR E 12 -14.89 -2.77 29.87
CA TYR E 12 -15.08 -1.71 30.85
C TYR E 12 -15.81 -0.64 30.08
N PRO E 13 -17.06 -0.92 29.68
CA PRO E 13 -17.95 -0.04 28.91
C PRO E 13 -18.10 1.40 29.38
N GLU E 14 -17.99 1.63 30.68
CA GLU E 14 -18.13 2.99 31.20
C GLU E 14 -16.87 3.80 31.07
N GLY E 15 -15.74 3.11 30.97
CA GLY E 15 -14.46 3.78 30.82
C GLY E 15 -14.49 4.94 29.83
N GLU E 16 -13.53 5.84 29.97
CA GLU E 16 -13.47 7.02 29.09
C GLU E 16 -12.52 6.77 27.93
N ALA E 17 -12.78 7.41 26.79
CA ALA E 17 -11.93 7.20 25.62
C ALA E 17 -11.80 8.39 24.69
N LEU E 18 -10.63 8.53 24.08
CA LEU E 18 -10.35 9.61 23.14
C LEU E 18 -10.07 9.07 21.75
N PRO E 19 -10.62 9.72 20.71
CA PRO E 19 -10.36 9.24 19.35
C PRO E 19 -8.90 9.50 19.01
N MSE E 20 -8.35 8.74 18.05
CA MSE E 20 -6.96 8.94 17.66
C MSE E 20 -6.81 10.14 16.72
O MSE E 20 -6.59 9.97 15.52
CB MSE E 20 -6.40 7.68 16.98
CG MSE E 20 -4.92 7.81 16.62
SE MSE E 20 -3.83 8.29 18.15
CE MSE E 20 -3.13 6.56 18.61
N VAL E 21 -6.92 11.34 17.28
CA VAL E 21 -6.78 12.58 16.52
C VAL E 21 -5.34 13.07 16.68
N PHE E 22 -4.61 12.36 17.54
CA PHE E 22 -3.22 12.67 17.82
C PHE E 22 -2.35 12.00 16.78
N LYS E 23 -1.06 12.33 16.79
CA LYS E 23 -0.11 11.74 15.84
C LYS E 23 0.99 11.05 16.63
N SER E 24 1.36 9.85 16.20
CA SER E 24 2.39 9.06 16.87
C SER E 24 3.82 9.43 16.44
N PHE E 25 4.51 10.20 17.27
CA PHE E 25 5.88 10.62 16.97
C PHE E 25 6.89 9.63 17.56
N GLY E 26 6.57 9.12 18.75
CA GLY E 26 7.47 8.18 19.41
C GLY E 26 7.72 6.91 18.62
N GLY E 27 8.74 6.18 19.04
CA GLY E 27 9.12 4.95 18.38
C GLY E 27 8.13 3.82 18.62
N ARG E 28 6.95 4.16 19.14
CA ARG E 28 5.90 3.20 19.42
C ARG E 28 4.53 3.85 19.39
N ALA E 29 3.53 3.05 19.02
CA ALA E 29 2.16 3.52 18.90
C ALA E 29 1.25 2.76 19.87
N ARG E 30 1.82 1.77 20.56
CA ARG E 30 1.05 0.96 21.52
C ARG E 30 1.76 1.00 22.87
N PHE E 31 1.21 1.77 23.80
CA PHE E 31 1.80 1.92 25.13
C PHE E 31 0.69 2.12 26.15
N ALA E 32 1.02 1.94 27.43
CA ALA E 32 0.03 2.10 28.49
C ALA E 32 0.65 2.30 29.86
N GLY E 33 -0.20 2.37 30.88
CA GLY E 33 0.27 2.56 32.23
C GLY E 33 -0.49 3.64 32.96
N ARG E 34 -0.39 3.65 34.29
CA ARG E 34 -1.06 4.64 35.15
C ARG E 34 -0.64 6.05 34.75
N VAL E 35 -1.61 6.95 34.70
CA VAL E 35 -1.36 8.33 34.28
C VAL E 35 -1.16 9.38 35.36
N ARG E 36 -0.27 10.31 35.06
CA ARG E 36 0.07 11.42 35.93
C ARG E 36 -0.17 12.71 35.15
N THR E 37 -1.39 13.24 35.26
CA THR E 37 -1.78 14.45 34.56
C THR E 37 -0.81 15.62 34.71
N LEU E 38 -1.06 16.67 33.92
CA LEU E 38 -0.24 17.88 33.93
C LEU E 38 -0.84 18.92 32.98
N ARG E 39 -1.27 20.05 33.54
CA ARG E 39 -1.84 21.12 32.72
C ARG E 39 -0.83 22.24 32.58
N VAL E 40 -0.93 22.98 31.47
CA VAL E 40 -0.02 24.08 31.20
C VAL E 40 -0.35 24.71 29.85
N PHE E 41 0.07 25.95 29.65
CA PHE E 41 -0.19 26.63 28.40
C PHE E 41 1.05 27.32 27.83
N GLU E 42 1.61 26.73 26.78
CA GLU E 42 2.79 27.27 26.12
C GLU E 42 3.92 27.54 27.12
N ASP E 43 4.07 26.62 28.07
CA ASP E 43 5.11 26.71 29.10
C ASP E 43 5.69 25.32 29.39
N ASN E 44 6.88 25.06 28.87
CA ASN E 44 7.55 23.77 29.05
C ASN E 44 8.09 23.51 30.45
N ALA E 45 8.19 24.57 31.25
CA ALA E 45 8.71 24.51 32.63
C ALA E 45 8.49 23.20 33.39
N LEU E 46 7.25 22.95 33.80
CA LEU E 46 6.93 21.74 34.56
C LEU E 46 7.11 20.44 33.78
N VAL E 47 6.87 20.48 32.48
CA VAL E 47 7.00 19.30 31.64
C VAL E 47 8.39 18.67 31.73
N ARG E 48 9.39 19.49 32.05
CA ARG E 48 10.77 19.02 32.14
C ARG E 48 11.13 18.47 33.52
N LYS E 49 10.62 19.08 34.57
CA LYS E 49 10.91 18.64 35.93
C LYS E 49 10.16 17.34 36.23
N VAL E 50 8.83 17.40 36.17
CA VAL E 50 7.98 16.24 36.46
C VAL E 50 8.42 15.03 35.64
N LEU E 51 8.81 15.28 34.40
CA LEU E 51 9.25 14.23 33.49
C LEU E 51 10.58 13.64 33.96
N GLU E 52 10.90 13.85 35.24
CA GLU E 52 12.14 13.35 35.80
C GLU E 52 11.97 12.79 37.22
N GLU E 53 10.95 13.26 37.93
CA GLU E 53 10.70 12.78 39.28
C GLU E 53 10.31 11.30 39.26
N GLU E 54 10.53 10.67 38.11
CA GLU E 54 10.27 9.27 37.86
C GLU E 54 9.01 8.62 38.39
N GLY E 55 8.52 7.66 37.61
CA GLY E 55 7.33 6.91 37.95
C GLY E 55 7.48 5.50 37.45
N ALA E 56 8.33 5.33 36.45
CA ALA E 56 8.61 4.02 35.86
C ALA E 56 7.34 3.31 35.41
N GLY E 57 7.15 3.25 34.10
CA GLY E 57 5.98 2.58 33.55
C GLY E 57 4.71 3.35 33.86
N GLN E 58 4.77 4.66 33.64
CA GLN E 58 3.62 5.52 33.88
C GLN E 58 3.47 6.47 32.69
N VAL E 59 2.26 6.94 32.46
CA VAL E 59 2.01 7.82 31.31
C VAL E 59 1.83 9.27 31.75
N LEU E 60 2.42 10.18 30.99
CA LEU E 60 2.32 11.61 31.29
C LEU E 60 1.31 12.26 30.35
N PHE E 61 0.15 12.63 30.89
CA PHE E 61 -0.86 13.28 30.07
C PHE E 61 -0.82 14.79 30.31
N VAL E 62 -0.26 15.52 29.35
CA VAL E 62 -0.15 16.96 29.45
C VAL E 62 -1.22 17.64 28.62
N ASP E 63 -1.91 18.62 29.22
CA ASP E 63 -2.92 19.39 28.49
C ASP E 63 -2.22 20.69 28.13
N GLY E 64 -2.19 21.01 26.84
CA GLY E 64 -1.53 22.23 26.41
C GLY E 64 -2.49 23.24 25.83
N GLY E 65 -3.76 23.10 26.18
CA GLY E 65 -4.76 24.02 25.67
C GLY E 65 -4.87 23.88 24.17
N GLY E 66 -4.44 22.71 23.67
CA GLY E 66 -4.50 22.46 22.24
C GLY E 66 -3.81 23.55 21.43
N SER E 67 -2.72 24.09 21.96
CA SER E 67 -2.00 25.15 21.28
C SER E 67 -0.90 24.62 20.36
N LEU E 68 -0.84 25.16 19.15
CA LEU E 68 0.16 24.73 18.16
C LEU E 68 1.27 25.76 17.96
N ARG E 69 1.19 26.89 18.66
CA ARG E 69 2.19 27.95 18.56
C ARG E 69 3.58 27.54 19.05
N THR E 70 3.63 26.81 20.16
CA THR E 70 4.92 26.40 20.73
C THR E 70 4.99 24.94 21.19
N ALA E 71 6.17 24.36 21.09
CA ALA E 71 6.40 22.97 21.49
C ALA E 71 6.55 22.82 23.00
N LEU E 72 6.10 21.69 23.52
CA LEU E 72 6.17 21.42 24.96
C LEU E 72 7.06 20.22 25.24
N LEU E 73 7.67 19.68 24.19
CA LEU E 73 8.54 18.53 24.35
C LEU E 73 9.35 18.28 23.10
N GLY E 74 10.60 17.86 23.30
CA GLY E 74 11.51 17.60 22.19
C GLY E 74 12.38 16.37 22.41
N GLY E 75 13.29 16.11 21.49
CA GLY E 75 14.16 14.95 21.60
C GLY E 75 14.99 14.94 22.87
N ASN E 76 15.02 16.07 23.55
CA ASN E 76 15.78 16.21 24.79
C ASN E 76 15.02 15.53 25.91
N LEU E 77 13.78 15.97 26.13
CA LEU E 77 12.92 15.41 27.16
C LEU E 77 12.57 13.97 26.83
N ALA E 78 12.30 13.71 25.56
CA ALA E 78 11.96 12.36 25.10
C ALA E 78 12.93 11.35 25.69
N ARG E 79 14.16 11.36 25.19
CA ARG E 79 15.19 10.44 25.66
C ARG E 79 15.28 10.42 27.18
N ARG E 80 15.09 11.58 27.80
CA ARG E 80 15.14 11.68 29.26
C ARG E 80 14.06 10.80 29.86
N ALA E 81 12.86 10.85 29.27
CA ALA E 81 11.72 10.06 29.74
C ALA E 81 11.94 8.58 29.49
N TRP E 82 12.64 8.26 28.41
CA TRP E 82 12.93 6.88 28.06
C TRP E 82 14.01 6.31 28.98
N GLU E 83 15.15 6.99 29.02
CA GLU E 83 16.27 6.57 29.87
C GLU E 83 15.79 6.33 31.29
N LYS E 84 14.86 7.17 31.74
CA LYS E 84 14.33 7.05 33.09
C LYS E 84 12.88 6.54 33.09
N GLY E 85 12.74 5.24 32.87
CA GLY E 85 11.45 4.57 32.84
C GLY E 85 10.18 5.41 32.83
N TRP E 86 9.45 5.35 31.72
CA TRP E 86 8.19 6.08 31.57
C TRP E 86 7.48 5.62 30.30
N ALA E 87 6.26 5.15 30.46
CA ALA E 87 5.46 4.65 29.35
C ALA E 87 5.46 5.55 28.11
N GLY E 88 4.97 6.77 28.27
CA GLY E 88 4.95 7.70 27.16
C GLY E 88 4.29 9.01 27.54
N VAL E 89 4.24 9.95 26.60
CA VAL E 89 3.65 11.25 26.87
C VAL E 89 2.53 11.59 25.88
N VAL E 90 1.37 11.95 26.43
CA VAL E 90 0.23 12.33 25.61
C VAL E 90 0.10 13.85 25.71
N VAL E 91 0.44 14.54 24.63
CA VAL E 91 0.40 15.98 24.63
C VAL E 91 -0.71 16.58 23.77
N HIS E 92 -1.64 17.28 24.41
CA HIS E 92 -2.71 17.92 23.68
C HIS E 92 -2.14 19.27 23.22
N GLY E 93 -1.01 19.18 22.53
CA GLY E 93 -0.34 20.37 22.03
C GLY E 93 0.71 20.00 21.00
N ALA E 94 1.78 20.77 20.94
CA ALA E 94 2.85 20.52 19.98
C ALA E 94 4.13 19.93 20.57
N VAL E 95 5.00 19.44 19.70
CA VAL E 95 6.28 18.85 20.07
C VAL E 95 7.31 19.35 19.05
N ARG E 96 8.53 18.85 19.14
CA ARG E 96 9.58 19.27 18.21
C ARG E 96 10.64 18.18 18.06
N ASP E 97 11.43 18.24 16.98
CA ASP E 97 12.48 17.26 16.69
C ASP E 97 11.91 15.90 16.29
N THR E 98 10.95 15.91 15.37
CA THR E 98 10.32 14.67 14.93
C THR E 98 11.31 13.52 14.79
N GLU E 99 12.32 13.69 13.95
CA GLU E 99 13.33 12.65 13.76
C GLU E 99 13.88 12.15 15.09
N GLU E 100 14.20 13.08 15.98
CA GLU E 100 14.72 12.75 17.30
C GLU E 100 13.68 12.01 18.13
N LEU E 101 12.42 12.41 17.99
CA LEU E 101 11.34 11.80 18.72
C LEU E 101 10.95 10.43 18.15
N ARG E 102 11.33 10.18 16.91
CA ARG E 102 11.01 8.92 16.25
C ARG E 102 11.97 7.81 16.69
N GLU E 103 13.06 8.19 17.35
CA GLU E 103 14.06 7.24 17.81
C GLU E 103 13.90 6.85 19.27
N VAL E 104 12.87 7.37 19.93
CA VAL E 104 12.64 7.07 21.34
C VAL E 104 11.82 5.78 21.51
N PRO E 105 12.37 4.79 22.21
CA PRO E 105 11.72 3.50 22.47
C PRO E 105 10.47 3.57 23.34
N ILE E 106 9.70 4.65 23.19
CA ILE E 106 8.46 4.84 23.95
C ILE E 106 7.44 5.55 23.08
N GLY E 107 6.23 5.74 23.61
CA GLY E 107 5.19 6.41 22.86
C GLY E 107 5.11 7.90 23.11
N LEU E 108 4.96 8.68 22.03
CA LEU E 108 4.85 10.12 22.13
C LEU E 108 3.80 10.60 21.14
N LEU E 109 2.67 11.10 21.68
CA LEU E 109 1.59 11.59 20.84
C LEU E 109 1.38 13.08 21.06
N ALA E 110 0.97 13.76 19.99
CA ALA E 110 0.72 15.19 20.08
C ALA E 110 -0.13 15.62 18.88
N LEU E 111 -0.81 16.75 19.01
CA LEU E 111 -1.63 17.24 17.92
C LEU E 111 -0.78 17.54 16.69
N ALA E 112 0.37 18.18 16.92
CA ALA E 112 1.26 18.52 15.82
C ALA E 112 2.67 18.83 16.31
N ALA E 113 3.55 19.10 15.35
CA ALA E 113 4.92 19.43 15.65
C ALA E 113 5.13 20.86 15.20
N THR E 114 5.85 21.64 16.00
CA THR E 114 6.10 23.03 15.66
C THR E 114 7.57 23.37 15.92
N PRO E 115 8.08 24.44 15.29
CA PRO E 115 9.49 24.86 15.47
C PRO E 115 9.82 25.53 16.80
N LYS E 116 9.13 26.62 17.07
CA LYS E 116 9.34 27.42 18.28
C LYS E 116 9.02 26.74 19.61
N LYS E 117 9.96 26.86 20.55
CA LYS E 117 9.83 26.29 21.88
C LYS E 117 8.95 27.16 22.78
N SER E 118 8.69 26.66 23.99
CA SER E 118 7.84 27.37 24.94
C SER E 118 8.59 27.93 26.14
N ALA E 119 7.94 28.84 26.86
CA ALA E 119 8.53 29.47 28.04
C ALA E 119 9.05 28.44 29.04
N LYS E 120 9.96 28.88 29.90
CA LYS E 120 10.55 28.02 30.92
C LYS E 120 10.26 28.58 32.31
N GLU E 121 9.20 29.39 32.41
CA GLU E 121 8.83 29.98 33.70
C GLU E 121 8.54 28.90 34.75
N GLY E 122 7.29 28.46 34.78
CA GLY E 122 6.92 27.44 35.75
C GLY E 122 5.43 27.40 36.04
N LYS E 123 4.66 28.18 35.29
CA LYS E 123 3.21 28.22 35.48
C LYS E 123 2.59 26.91 35.00
N GLY E 124 1.97 26.18 35.93
CA GLY E 124 1.35 24.92 35.57
C GLY E 124 0.96 24.11 36.79
N GLU E 125 0.01 23.21 36.62
CA GLU E 125 -0.46 22.36 37.70
C GLU E 125 -0.02 20.91 37.51
N VAL E 126 0.48 20.31 38.58
CA VAL E 126 0.95 18.92 38.55
C VAL E 126 -0.01 17.98 39.27
N ASP E 127 -0.40 16.91 38.59
CA ASP E 127 -1.32 15.91 39.13
C ASP E 127 -2.71 16.48 39.41
N VAL E 128 -3.33 17.04 38.38
CA VAL E 128 -4.67 17.62 38.50
C VAL E 128 -5.62 17.02 37.45
N PRO E 129 -6.94 17.06 37.71
CA PRO E 129 -7.89 16.50 36.75
C PRO E 129 -7.93 17.29 35.43
N LEU E 130 -7.57 16.60 34.34
CA LEU E 130 -7.56 17.21 33.02
C LEU E 130 -8.95 17.17 32.40
N LYS E 131 -9.07 17.65 31.18
CA LYS E 131 -10.35 17.68 30.49
C LYS E 131 -10.14 17.87 28.97
N VAL E 132 -9.74 16.80 28.29
CA VAL E 132 -9.47 16.87 26.86
C VAL E 132 -10.60 16.41 25.94
N LEU E 133 -11.01 17.30 25.04
CA LEU E 133 -12.07 17.03 24.07
C LEU E 133 -13.29 16.34 24.66
N GLY E 134 -13.84 16.90 25.72
CA GLY E 134 -15.02 16.33 26.36
C GLY E 134 -14.74 15.13 27.24
N VAL E 135 -13.48 14.75 27.33
CA VAL E 135 -13.10 13.60 28.15
C VAL E 135 -12.42 14.05 29.44
N GLU E 136 -12.61 13.26 30.50
CA GLU E 136 -12.03 13.58 31.79
C GLU E 136 -10.91 12.63 32.17
N VAL E 137 -9.69 13.16 32.18
CA VAL E 137 -8.52 12.36 32.56
C VAL E 137 -8.37 12.56 34.06
N LEU E 138 -7.96 11.52 34.78
CA LEU E 138 -7.79 11.62 36.24
C LEU E 138 -6.58 10.87 36.78
N PRO E 139 -5.82 11.51 37.68
CA PRO E 139 -4.65 10.85 38.26
C PRO E 139 -5.07 9.56 38.96
N GLY E 140 -4.38 8.48 38.63
CA GLY E 140 -4.70 7.19 39.23
C GLY E 140 -5.24 6.24 38.18
N SER E 141 -5.77 6.80 37.11
CA SER E 141 -6.30 6.00 36.01
C SER E 141 -5.19 5.25 35.30
N PHE E 142 -5.58 4.23 34.53
CA PHE E 142 -4.64 3.43 33.77
C PHE E 142 -4.97 3.57 32.29
N LEU E 143 -4.22 4.45 31.63
CA LEU E 143 -4.43 4.73 30.20
C LEU E 143 -3.81 3.71 29.25
N LEU E 144 -4.53 3.43 28.17
CA LEU E 144 -4.06 2.52 27.15
C LEU E 144 -4.11 3.23 25.80
N ALA E 145 -3.13 2.96 24.94
CA ALA E 145 -3.05 3.59 23.65
C ALA E 145 -2.69 2.64 22.51
N ASP E 146 -3.28 2.87 21.35
CA ASP E 146 -3.01 2.07 20.15
C ASP E 146 -3.56 2.82 18.94
N GLU E 147 -3.45 2.21 17.77
CA GLU E 147 -3.92 2.80 16.52
C GLU E 147 -5.37 3.28 16.54
N ASP E 148 -6.19 2.68 17.40
CA ASP E 148 -7.60 3.06 17.47
C ASP E 148 -7.89 4.20 18.44
N GLY E 149 -6.93 4.53 19.30
CA GLY E 149 -7.14 5.61 20.25
C GLY E 149 -6.61 5.39 21.66
N LEU E 150 -7.13 6.19 22.60
CA LEU E 150 -6.73 6.10 23.99
C LEU E 150 -7.92 5.77 24.87
N LEU E 151 -7.75 4.80 25.76
CA LEU E 151 -8.83 4.45 26.67
C LEU E 151 -8.30 4.67 28.08
N LEU E 152 -9.11 5.32 28.90
CA LEU E 152 -8.73 5.59 30.28
C LEU E 152 -9.58 4.74 31.21
N LEU E 153 -8.94 3.87 31.96
CA LEU E 153 -9.63 2.99 32.89
C LEU E 153 -9.40 3.37 34.33
N PRO E 154 -10.46 3.32 35.16
CA PRO E 154 -10.39 3.67 36.57
C PRO E 154 -9.09 3.17 37.17
N GLU E 155 -8.65 2.00 36.71
CA GLU E 155 -7.39 1.41 37.18
C GLU E 155 -7.02 0.19 36.33
N PRO E 156 -5.79 -0.34 36.52
CA PRO E 156 -5.30 -1.51 35.79
C PRO E 156 -6.35 -2.59 35.49
N PRO E 157 -6.10 -3.43 34.47
CA PRO E 157 -7.00 -4.50 34.05
C PRO E 157 -7.41 -5.49 35.14
N SER E 158 -7.94 -6.63 34.71
CA SER E 158 -8.40 -7.68 35.62
C SER E 158 -7.58 -8.96 35.50
N GLY E 159 -7.02 -9.41 36.61
CA GLY E 159 -6.22 -10.63 36.60
C GLY E 159 -5.02 -10.55 35.69
N VAL E 160 -5.27 -10.61 34.38
CA VAL E 160 -4.21 -10.53 33.38
C VAL E 160 -4.56 -9.56 32.25
N ARG E 161 -5.53 -9.96 31.41
CA ARG E 161 -5.96 -9.14 30.28
C ARG E 161 -4.79 -8.84 29.34
N SER E 162 -4.31 -9.89 28.70
CA SER E 162 -3.19 -9.83 27.77
C SER E 162 -3.38 -11.02 26.84
N GLY E 163 -3.30 -12.20 27.44
CA GLY E 163 -3.49 -13.44 26.72
C GLY E 163 -4.54 -14.21 27.47
N GLY E 164 -5.15 -13.53 28.45
CA GLY E 164 -6.19 -14.14 29.26
C GLY E 164 -5.66 -15.04 30.36
N MET F 1 20.36 20.74 2.76
CA MET F 1 20.55 19.60 3.71
C MET F 1 21.15 20.09 5.02
N GLU F 2 20.56 21.13 5.58
CA GLU F 2 21.02 21.70 6.85
C GLU F 2 20.08 22.79 7.37
N ALA F 3 20.35 23.26 8.59
CA ALA F 3 19.56 24.29 9.23
C ALA F 3 18.16 23.78 9.55
N ARG F 4 17.98 23.35 10.79
CA ARG F 4 16.68 22.85 11.23
C ARG F 4 15.76 24.05 11.39
N THR F 5 14.45 23.81 11.37
CA THR F 5 13.48 24.89 11.54
C THR F 5 13.44 25.27 13.01
N THR F 6 13.67 24.28 13.87
CA THR F 6 13.66 24.50 15.32
C THR F 6 15.01 25.04 15.77
N ASP F 7 16.09 24.36 15.39
CA ASP F 7 17.44 24.78 15.76
C ASP F 7 17.65 26.27 15.54
N LEU F 8 17.06 26.82 14.48
CA LEU F 8 17.20 28.24 14.19
C LEU F 8 16.20 29.07 15.00
N SER F 9 14.92 28.71 14.95
CA SER F 9 13.93 29.46 15.72
C SER F 9 14.35 29.44 17.17
N ASP F 10 14.97 28.34 17.58
CA ASP F 10 15.46 28.16 18.93
C ASP F 10 16.64 29.09 19.15
N LEU F 11 17.03 29.82 18.10
CA LEU F 11 18.14 30.76 18.17
C LEU F 11 17.75 32.15 17.68
N TYR F 12 16.50 32.28 17.24
CA TYR F 12 15.97 33.56 16.77
C TYR F 12 14.54 33.68 17.29
N PRO F 13 14.35 33.54 18.61
CA PRO F 13 13.03 33.61 19.26
C PRO F 13 12.10 34.69 18.71
N GLU F 14 12.67 35.64 17.98
CA GLU F 14 11.89 36.73 17.39
C GLU F 14 11.42 36.39 15.99
N GLY F 15 11.45 35.11 15.64
CA GLY F 15 11.03 34.69 14.32
C GLY F 15 9.67 34.02 14.27
N GLU F 16 8.89 34.33 13.24
CA GLU F 16 7.58 33.74 13.06
C GLU F 16 7.72 32.25 12.72
N ALA F 17 6.71 31.48 13.06
CA ALA F 17 6.74 30.05 12.78
C ALA F 17 5.33 29.48 12.64
N LEU F 18 5.19 28.55 11.71
CA LEU F 18 3.91 27.89 11.47
C LEU F 18 4.06 26.43 11.88
N PRO F 19 3.02 25.87 12.49
CA PRO F 19 3.08 24.46 12.91
C PRO F 19 3.11 23.54 11.70
N MSE F 20 3.57 22.31 11.89
CA MSE F 20 3.61 21.37 10.77
C MSE F 20 2.22 20.72 10.62
O MSE F 20 2.03 19.54 10.90
CB MSE F 20 4.68 20.30 10.98
CG MSE F 20 4.74 19.29 9.83
SE MSE F 20 4.23 20.06 8.10
CE MSE F 20 5.85 21.05 7.74
N VAL F 21 1.26 21.53 10.19
CA VAL F 21 -0.11 21.09 10.00
C VAL F 21 -0.45 20.81 8.54
N PHE F 22 0.47 21.17 7.64
CA PHE F 22 0.25 20.93 6.22
C PHE F 22 0.73 19.50 5.91
N LYS F 23 0.35 19.00 4.74
CA LYS F 23 0.79 17.67 4.32
C LYS F 23 1.88 17.87 3.27
N SER F 24 2.88 17.00 3.26
CA SER F 24 3.96 17.12 2.30
C SER F 24 3.69 16.25 1.09
N PHE F 25 3.18 16.87 0.02
CA PHE F 25 2.84 16.17 -1.22
C PHE F 25 4.04 15.94 -2.12
N GLY F 26 5.03 16.82 -2.04
CA GLY F 26 6.21 16.70 -2.87
C GLY F 26 7.16 15.61 -2.43
N GLY F 27 8.29 15.52 -3.12
CA GLY F 27 9.29 14.50 -2.79
C GLY F 27 10.30 14.99 -1.76
N ARG F 28 10.18 16.25 -1.36
CA ARG F 28 11.10 16.82 -0.38
C ARG F 28 10.37 17.38 0.83
N ALA F 29 10.79 16.92 2.00
CA ALA F 29 10.21 17.35 3.28
C ALA F 29 10.92 18.62 3.75
N ARG F 30 12.23 18.64 3.55
CA ARG F 30 13.04 19.78 3.93
C ARG F 30 13.37 20.64 2.71
N PHE F 31 13.18 21.94 2.86
CA PHE F 31 13.47 22.89 1.79
C PHE F 31 13.30 24.30 2.33
N ALA F 32 14.14 25.22 1.84
CA ALA F 32 14.09 26.61 2.28
C ALA F 32 14.30 27.54 1.10
N GLY F 33 14.23 28.84 1.36
CA GLY F 33 14.43 29.81 0.29
C GLY F 33 13.69 31.11 0.51
N ARG F 34 13.92 32.08 -0.38
CA ARG F 34 13.25 33.38 -0.30
C ARG F 34 11.77 33.13 -0.51
N VAL F 35 10.93 34.11 -0.17
CA VAL F 35 9.49 33.92 -0.30
C VAL F 35 8.69 34.98 -1.01
N ARG F 36 8.07 34.60 -2.12
CA ARG F 36 7.19 35.49 -2.87
C ARG F 36 5.80 35.02 -2.51
N THR F 37 4.98 35.92 -1.97
CA THR F 37 3.63 35.55 -1.59
C THR F 37 2.63 35.71 -2.71
N LEU F 38 1.44 35.13 -2.51
CA LEU F 38 0.37 35.18 -3.48
C LEU F 38 -0.91 34.93 -2.68
N ARG F 39 -1.99 35.61 -3.05
CA ARG F 39 -3.26 35.45 -2.35
C ARG F 39 -4.39 35.30 -3.36
N VAL F 40 -5.01 34.12 -3.35
CA VAL F 40 -6.11 33.83 -4.27
C VAL F 40 -7.22 33.03 -3.61
N PHE F 41 -8.34 32.88 -4.32
CA PHE F 41 -9.47 32.13 -3.81
C PHE F 41 -10.12 31.29 -4.92
N GLU F 42 -9.79 30.01 -4.95
CA GLU F 42 -10.34 29.09 -5.95
C GLU F 42 -10.14 29.64 -7.36
N ASP F 43 -8.89 29.97 -7.67
CA ASP F 43 -8.48 30.51 -8.97
C ASP F 43 -6.96 30.50 -8.93
N ASN F 44 -6.32 29.87 -9.90
CA ASN F 44 -4.85 29.81 -9.89
C ASN F 44 -4.18 30.31 -11.15
N ALA F 45 -4.90 31.05 -11.97
CA ALA F 45 -4.32 31.58 -13.21
C ALA F 45 -3.03 32.32 -12.88
N LEU F 46 -2.99 32.96 -11.71
CA LEU F 46 -1.81 33.72 -11.29
C LEU F 46 -0.75 32.78 -10.71
N VAL F 47 -1.19 31.65 -10.16
CA VAL F 47 -0.28 30.68 -9.58
C VAL F 47 0.53 30.01 -10.69
N ARG F 48 0.02 30.11 -11.91
CA ARG F 48 0.68 29.54 -13.07
C ARG F 48 1.68 30.57 -13.60
N LYS F 49 1.18 31.78 -13.81
CA LYS F 49 1.98 32.88 -14.33
C LYS F 49 3.25 33.13 -13.52
N VAL F 50 3.15 32.96 -12.20
CA VAL F 50 4.29 33.18 -11.32
C VAL F 50 5.32 32.07 -11.39
N LEU F 51 4.88 30.84 -11.18
CA LEU F 51 5.77 29.69 -11.19
C LEU F 51 6.41 29.39 -12.54
N GLU F 52 5.92 30.03 -13.60
CA GLU F 52 6.47 29.81 -14.94
C GLU F 52 7.55 30.80 -15.33
N GLU F 53 7.81 31.80 -14.50
CA GLU F 53 8.80 32.82 -14.82
C GLU F 53 10.23 32.44 -14.41
N GLU F 54 10.48 32.27 -13.11
CA GLU F 54 11.82 31.91 -12.63
C GLU F 54 11.86 31.89 -11.11
N GLY F 55 12.00 30.69 -10.55
CA GLY F 55 12.04 30.55 -9.10
C GLY F 55 13.38 30.79 -8.44
N ALA F 56 14.32 29.89 -8.67
CA ALA F 56 15.65 30.01 -8.08
C ALA F 56 15.54 30.02 -6.56
N GLY F 57 15.51 28.84 -5.97
CA GLY F 57 15.42 28.71 -4.52
C GLY F 57 14.23 29.38 -3.87
N GLN F 58 13.48 30.17 -4.63
CA GLN F 58 12.30 30.86 -4.09
C GLN F 58 11.15 29.91 -3.76
N VAL F 59 10.64 30.03 -2.54
CA VAL F 59 9.53 29.21 -2.08
C VAL F 59 8.24 30.02 -2.14
N LEU F 60 7.37 29.68 -3.08
CA LEU F 60 6.10 30.38 -3.25
C LEU F 60 5.04 29.97 -2.24
N PHE F 61 4.71 30.89 -1.34
CA PHE F 61 3.70 30.64 -0.32
C PHE F 61 2.39 31.21 -0.88
N VAL F 62 1.39 30.36 -1.03
CA VAL F 62 0.10 30.80 -1.57
C VAL F 62 -1.01 30.75 -0.54
N ASP F 63 -1.68 31.89 -0.36
CA ASP F 63 -2.79 31.99 0.58
C ASP F 63 -4.10 31.80 -0.17
N GLY F 64 -4.68 30.61 -0.05
CA GLY F 64 -5.92 30.33 -0.75
C GLY F 64 -7.15 30.56 0.10
N GLY F 65 -7.00 31.34 1.16
CA GLY F 65 -8.12 31.61 2.04
C GLY F 65 -8.54 30.35 2.77
N GLY F 66 -7.72 29.31 2.67
CA GLY F 66 -8.02 28.06 3.34
C GLY F 66 -9.06 27.18 2.66
N SER F 67 -9.56 27.60 1.50
CA SER F 67 -10.57 26.82 0.78
C SER F 67 -9.98 25.49 0.34
N LEU F 68 -10.81 24.47 0.30
CA LEU F 68 -10.37 23.14 -0.11
C LEU F 68 -11.20 22.67 -1.31
N ARG F 69 -12.22 23.44 -1.64
CA ARG F 69 -13.13 23.13 -2.75
C ARG F 69 -12.52 23.05 -4.14
N THR F 70 -11.33 23.61 -4.33
CA THR F 70 -10.67 23.56 -5.64
C THR F 70 -9.16 23.60 -5.45
N ALA F 71 -8.44 22.80 -6.22
CA ALA F 71 -6.99 22.75 -6.12
C ALA F 71 -6.37 24.05 -6.64
N LEU F 72 -5.11 24.29 -6.31
CA LEU F 72 -4.42 25.49 -6.74
C LEU F 72 -3.11 25.12 -7.43
N LEU F 73 -2.71 23.88 -7.27
CA LEU F 73 -1.47 23.34 -7.85
C LEU F 73 -1.70 21.89 -8.24
N GLY F 74 -1.34 21.55 -9.49
CA GLY F 74 -1.50 20.19 -9.96
C GLY F 74 -0.18 19.57 -10.35
N GLY F 75 -0.19 18.76 -11.40
CA GLY F 75 1.03 18.12 -11.87
C GLY F 75 1.87 19.02 -12.76
N ASN F 76 1.22 19.75 -13.65
CA ASN F 76 1.92 20.66 -14.57
C ASN F 76 2.69 21.70 -13.77
N LEU F 77 1.94 22.52 -13.04
CA LEU F 77 2.52 23.59 -12.22
C LEU F 77 3.60 23.05 -11.29
N ALA F 78 3.38 21.86 -10.76
CA ALA F 78 4.34 21.24 -9.84
C ALA F 78 5.66 20.93 -10.51
N ARG F 79 5.61 20.37 -11.72
CA ARG F 79 6.82 20.03 -12.45
C ARG F 79 7.41 21.30 -13.05
N ARG F 80 6.56 22.16 -13.59
CA ARG F 80 7.02 23.42 -14.18
C ARG F 80 7.80 24.17 -13.11
N ALA F 81 7.21 24.28 -11.93
CA ALA F 81 7.84 24.98 -10.81
C ALA F 81 9.22 24.38 -10.54
N TRP F 82 9.33 23.08 -10.74
CA TRP F 82 10.59 22.38 -10.55
C TRP F 82 11.45 22.50 -11.81
N GLU F 83 10.79 22.72 -12.94
CA GLU F 83 11.48 22.87 -14.22
C GLU F 83 12.01 24.29 -14.41
N LYS F 84 11.45 25.23 -13.67
CA LYS F 84 11.87 26.62 -13.77
C LYS F 84 12.66 27.08 -12.55
N GLY F 85 13.21 26.12 -11.80
CA GLY F 85 14.01 26.47 -10.63
C GLY F 85 13.33 26.35 -9.28
N TRP F 86 12.17 27.00 -9.14
CA TRP F 86 11.42 27.00 -7.88
C TRP F 86 11.69 25.77 -7.01
N ALA F 87 12.08 26.03 -5.77
CA ALA F 87 12.37 24.96 -4.84
C ALA F 87 11.38 25.01 -3.68
N GLY F 88 10.20 24.43 -3.89
CA GLY F 88 9.17 24.43 -2.85
C GLY F 88 8.01 25.35 -3.13
N VAL F 89 6.80 24.89 -2.81
CA VAL F 89 5.58 25.68 -3.01
C VAL F 89 4.54 25.36 -1.93
N VAL F 90 4.27 26.33 -1.07
CA VAL F 90 3.29 26.14 0.00
C VAL F 90 1.94 26.69 -0.42
N VAL F 91 0.88 25.97 -0.08
CA VAL F 91 -0.46 26.41 -0.43
C VAL F 91 -1.41 26.34 0.76
N HIS F 92 -2.02 27.48 1.09
CA HIS F 92 -2.96 27.52 2.19
C HIS F 92 -4.32 27.17 1.61
N GLY F 93 -4.36 26.00 0.98
CA GLY F 93 -5.58 25.52 0.37
C GLY F 93 -5.35 24.08 -0.05
N ALA F 94 -5.98 23.67 -1.14
CA ALA F 94 -5.84 22.31 -1.61
C ALA F 94 -4.93 22.18 -2.84
N VAL F 95 -4.73 20.94 -3.24
CA VAL F 95 -3.92 20.60 -4.40
C VAL F 95 -4.50 19.31 -4.96
N ARG F 96 -3.97 18.83 -6.07
CA ARG F 96 -4.47 17.58 -6.63
C ARG F 96 -3.39 16.82 -7.40
N ASP F 97 -3.67 15.55 -7.66
CA ASP F 97 -2.75 14.66 -8.36
C ASP F 97 -1.62 14.30 -7.42
N THR F 98 -1.99 13.81 -6.25
CA THR F 98 -1.03 13.41 -5.22
C THR F 98 0.06 12.51 -5.79
N GLU F 99 -0.36 11.49 -6.52
CA GLU F 99 0.56 10.53 -7.14
C GLU F 99 1.66 11.23 -7.92
N GLU F 100 1.27 12.27 -8.67
CA GLU F 100 2.21 13.03 -9.47
C GLU F 100 3.09 13.96 -8.63
N LEU F 101 2.44 14.74 -7.75
CA LEU F 101 3.16 15.69 -6.90
C LEU F 101 4.32 15.04 -6.13
N ARG F 102 4.14 13.79 -5.75
CA ARG F 102 5.15 13.04 -5.02
C ARG F 102 6.42 12.78 -5.84
N GLU F 103 6.31 12.88 -7.16
CA GLU F 103 7.44 12.64 -8.04
C GLU F 103 8.38 13.83 -8.28
N VAL F 104 8.03 15.00 -7.77
CA VAL F 104 8.87 16.18 -7.94
C VAL F 104 9.83 16.26 -6.77
N PRO F 105 11.14 16.36 -7.05
CA PRO F 105 12.16 16.44 -6.00
C PRO F 105 12.23 17.78 -5.27
N ILE F 106 11.07 18.38 -5.02
CA ILE F 106 11.01 19.66 -4.32
C ILE F 106 10.00 19.61 -3.18
N GLY F 107 9.75 20.77 -2.58
CA GLY F 107 8.80 20.84 -1.49
C GLY F 107 7.45 21.30 -1.98
N LEU F 108 6.39 20.65 -1.50
CA LEU F 108 5.02 21.00 -1.86
C LEU F 108 4.12 20.80 -0.66
N LEU F 109 3.74 21.90 -0.03
CA LEU F 109 2.89 21.85 1.16
C LEU F 109 1.46 22.32 0.90
N ALA F 110 0.51 21.60 1.46
CA ALA F 110 -0.90 21.95 1.31
C ALA F 110 -1.72 21.30 2.40
N LEU F 111 -2.91 21.85 2.63
CA LEU F 111 -3.80 21.35 3.66
C LEU F 111 -4.34 19.97 3.32
N ALA F 112 -4.82 19.80 2.08
CA ALA F 112 -5.35 18.53 1.64
C ALA F 112 -5.54 18.49 0.13
N ALA F 113 -5.63 17.27 -0.42
CA ALA F 113 -5.83 17.12 -1.85
C ALA F 113 -7.33 17.18 -2.13
N THR F 114 -7.71 17.72 -3.29
CA THR F 114 -9.11 17.84 -3.67
C THR F 114 -9.23 17.62 -5.19
N PRO F 115 -10.38 17.11 -5.65
CA PRO F 115 -10.61 16.84 -7.07
C PRO F 115 -10.63 18.05 -8.01
N LYS F 116 -11.72 18.81 -7.96
CA LYS F 116 -11.92 19.98 -8.82
C LYS F 116 -10.72 20.89 -9.05
N LYS F 117 -10.49 21.23 -10.31
CA LYS F 117 -9.40 22.11 -10.69
C LYS F 117 -9.88 23.54 -10.43
N SER F 118 -8.95 24.44 -10.14
CA SER F 118 -9.31 25.81 -9.86
C SER F 118 -9.59 26.62 -11.12
N ALA F 119 -10.27 27.75 -10.94
CA ALA F 119 -10.61 28.63 -12.04
C ALA F 119 -9.32 29.23 -12.60
N LYS F 120 -9.44 29.95 -13.71
CA LYS F 120 -8.28 30.57 -14.35
C LYS F 120 -8.64 31.92 -14.95
N GLU F 121 -9.30 32.74 -14.13
CA GLU F 121 -9.74 34.08 -14.55
C GLU F 121 -8.61 35.09 -14.41
N GLY F 122 -7.74 34.86 -13.44
CA GLY F 122 -6.63 35.78 -13.21
C GLY F 122 -6.81 36.44 -11.86
N LYS F 123 -8.02 36.33 -11.32
CA LYS F 123 -8.37 36.90 -10.03
C LYS F 123 -7.30 36.62 -8.96
N GLY F 124 -7.05 37.60 -8.11
CA GLY F 124 -6.06 37.42 -7.06
C GLY F 124 -5.20 38.66 -6.84
N GLU F 125 -4.13 38.51 -6.06
CA GLU F 125 -3.23 39.61 -5.75
C GLU F 125 -1.82 39.09 -5.44
N VAL F 126 -0.84 39.63 -6.15
CA VAL F 126 0.55 39.22 -6.01
C VAL F 126 1.37 39.97 -4.96
N ASP F 127 2.38 39.30 -4.43
CA ASP F 127 3.29 39.84 -3.43
C ASP F 127 2.65 40.56 -2.23
N VAL F 128 1.32 40.54 -2.15
CA VAL F 128 0.64 41.20 -1.03
C VAL F 128 0.97 40.46 0.27
N PRO F 129 1.20 41.20 1.36
CA PRO F 129 1.50 40.52 2.64
C PRO F 129 0.36 39.61 3.08
N LEU F 130 0.69 38.43 3.58
CA LEU F 130 -0.32 37.46 4.00
C LEU F 130 -0.40 37.27 5.51
N LYS F 131 -1.56 36.79 5.96
CA LYS F 131 -1.80 36.53 7.37
C LYS F 131 -2.51 35.17 7.45
N VAL F 132 -1.73 34.13 7.69
CA VAL F 132 -2.23 32.76 7.77
C VAL F 132 -2.04 32.13 9.14
N LEU F 133 -3.14 31.79 9.79
CA LEU F 133 -3.09 31.17 11.11
C LEU F 133 -2.32 32.01 12.12
N GLY F 134 -2.33 33.33 11.92
CA GLY F 134 -1.61 34.22 12.82
C GLY F 134 -0.35 34.71 12.15
N VAL F 135 0.67 33.86 12.12
CA VAL F 135 1.95 34.21 11.51
C VAL F 135 1.75 34.87 10.15
N GLU F 136 2.36 36.04 9.98
CA GLU F 136 2.24 36.77 8.72
C GLU F 136 3.32 36.35 7.74
N VAL F 137 2.99 36.42 6.46
CA VAL F 137 3.93 36.04 5.40
C VAL F 137 4.12 37.22 4.46
N LEU F 138 5.27 37.88 4.59
CA LEU F 138 5.60 39.05 3.78
C LEU F 138 6.57 38.67 2.67
N PRO F 139 6.35 39.19 1.45
CA PRO F 139 7.21 38.90 0.30
C PRO F 139 8.65 39.38 0.52
N GLY F 140 9.59 38.68 -0.10
CA GLY F 140 10.99 39.06 0.03
C GLY F 140 11.62 38.44 1.26
N SER F 141 10.81 37.87 2.14
CA SER F 141 11.32 37.23 3.35
C SER F 141 11.84 35.83 3.04
N PHE F 142 12.59 35.26 3.97
CA PHE F 142 13.16 33.93 3.80
C PHE F 142 12.35 32.90 4.61
N LEU F 143 12.23 31.69 4.08
CA LEU F 143 11.47 30.65 4.77
C LEU F 143 12.23 29.32 4.86
N LEU F 144 12.00 28.60 5.96
CA LEU F 144 12.63 27.31 6.19
C LEU F 144 11.51 26.34 6.56
N ALA F 145 11.58 25.11 6.03
CA ALA F 145 10.54 24.12 6.32
C ALA F 145 11.05 22.69 6.42
N ASP F 146 10.39 21.90 7.27
CA ASP F 146 10.72 20.49 7.47
C ASP F 146 9.69 19.80 8.37
N GLU F 147 9.98 18.55 8.75
CA GLU F 147 9.08 17.74 9.57
C GLU F 147 8.60 18.39 10.87
N ASP F 148 9.11 19.58 11.18
CA ASP F 148 8.70 20.28 12.40
C ASP F 148 7.83 21.50 12.12
N GLY F 149 7.88 22.01 10.90
CA GLY F 149 7.07 23.16 10.55
C GLY F 149 7.77 24.18 9.66
N LEU F 150 7.29 25.42 9.69
CA LEU F 150 7.86 26.48 8.87
C LEU F 150 8.42 27.60 9.75
N LEU F 151 9.46 28.28 9.26
CA LEU F 151 10.06 29.39 10.01
C LEU F 151 10.31 30.55 9.05
N LEU F 152 9.56 31.65 9.24
CA LEU F 152 9.69 32.83 8.39
C LEU F 152 10.54 33.93 9.01
N LEU F 153 11.77 34.08 8.52
CA LEU F 153 12.70 35.08 9.01
C LEU F 153 12.81 36.26 8.04
N PRO F 154 13.05 37.47 8.59
CA PRO F 154 13.18 38.70 7.79
C PRO F 154 14.41 38.65 6.87
N GLU F 155 15.43 37.92 7.31
CA GLU F 155 16.67 37.78 6.54
C GLU F 155 17.31 36.42 6.79
N PRO F 156 17.98 35.85 5.77
CA PRO F 156 18.64 34.55 5.88
C PRO F 156 19.46 34.39 7.17
N PRO F 157 20.04 33.20 7.39
CA PRO F 157 20.84 32.97 8.60
MG MG G . 30.84 7.24 -25.29
CL CL H . -0.47 -10.66 -32.40
CL CL I . -3.69 -28.79 -18.84
#